data_5XGV
#
_entry.id   5XGV
#
_cell.length_a   183.617
_cell.length_b   58.022
_cell.length_c   127.150
_cell.angle_alpha   90.000
_cell.angle_beta   127.460
_cell.angle_gamma   90.000
#
_symmetry.space_group_name_H-M   'C 1 2 1'
#
loop_
_entity.id
_entity.type
_entity.pdbx_description
1 polymer PyrE3
2 non-polymer 'FLAVIN-ADENINE DINUCLEOTIDE'
3 water water
#
_entity_poly.entity_id   1
_entity_poly.type   'polypeptide(L)'
_entity_poly.pdbx_seq_one_letter_code
;SDTVIIAGGGPVGLMLACELGLAGVDTVVLERHDAPREPSRGGAINATVVELFTQRGIMESLRDDGFEFRMAHFAHIPLA
PERVPGDRAFSFAVPHAQVERRLEERARSLGVRVRRSTEITSVRQTPDGVQVTTGDGEVVEGAYLVGCDGSASLVREQAG
IPFPGVDPDFHGLWGDIKVEPGAPVLERIGARQYELGLCMVAPIGPDTVRVITGEFDVPSPPADQEVGFDELRAAVARIA
GVELDGVPGWLSRWTATSRQAERYREGRILLAGDAAHTLFPLGGQALGTGIEDAVNLGWKLAATVQGWAPPSLLDSYHEE
RHAAGARACASTRAQTTIMRSLARVGELRALLTELAGLEEVNAYLVRMVGGIDGSRLPDVPLVTAEGETSVYRLLEAGRG
VLLDLGAGLPAVRHPQVTYVRAEPTNRLDATAVLLRPDGVVAWRAPQDGLEAALETWFGPAA
;
_entity_poly.pdbx_strand_id   A,B
#
# COMPACT_ATOMS: atom_id res chain seq x y z
N SER A 1 26.11 -5.83 -18.78
CA SER A 1 25.14 -5.46 -17.75
C SER A 1 24.20 -4.31 -18.16
N ASP A 2 23.28 -4.49 -19.14
CA ASP A 2 22.84 -5.73 -19.83
C ASP A 2 22.49 -6.90 -18.90
N THR A 3 22.17 -6.55 -17.67
CA THR A 3 21.71 -7.48 -16.68
C THR A 3 20.22 -7.27 -16.54
N VAL A 4 19.47 -8.35 -16.44
CA VAL A 4 18.08 -8.22 -16.09
C VAL A 4 17.93 -8.43 -14.59
N ILE A 5 17.30 -7.47 -13.93
CA ILE A 5 16.98 -7.61 -12.53
C ILE A 5 15.52 -8.04 -12.40
N ILE A 6 15.28 -9.10 -11.65
CA ILE A 6 13.94 -9.57 -11.36
C ILE A 6 13.63 -9.26 -9.90
N ALA A 7 12.60 -8.46 -9.68
CA ALA A 7 12.18 -8.13 -8.33
C ALA A 7 11.16 -9.15 -7.87
N GLY A 8 11.57 -10.02 -6.95
CA GLY A 8 10.69 -11.05 -6.44
C GLY A 8 11.04 -12.43 -6.93
N GLY A 9 11.21 -13.36 -6.01
CA GLY A 9 11.52 -14.74 -6.36
C GLY A 9 10.41 -15.71 -5.99
N GLY A 10 9.18 -15.30 -6.24
CA GLY A 10 8.05 -16.22 -6.19
C GLY A 10 8.08 -17.08 -7.44
N PRO A 11 7.00 -17.85 -7.68
CA PRO A 11 6.98 -18.75 -8.85
C PRO A 11 7.15 -18.01 -10.20
N VAL A 12 6.54 -16.84 -10.33
CA VAL A 12 6.60 -16.09 -11.58
C VAL A 12 8.01 -15.51 -11.81
N GLY A 13 8.57 -14.85 -10.78
CA GLY A 13 9.94 -14.38 -10.86
C GLY A 13 10.93 -15.50 -11.18
N LEU A 14 10.81 -16.62 -10.48
CA LEU A 14 11.74 -17.72 -10.70
C LEU A 14 11.56 -18.39 -12.09
N MET A 15 10.31 -18.50 -12.55
CA MET A 15 10.06 -19.01 -13.91
C MET A 15 10.69 -18.09 -14.96
N LEU A 16 10.53 -16.79 -14.77
CA LEU A 16 11.13 -15.79 -15.65
C LEU A 16 12.65 -15.92 -15.63
N ALA A 17 13.19 -16.18 -14.45
CA ALA A 17 14.61 -16.34 -14.30
C ALA A 17 15.08 -17.58 -15.06
N CYS A 18 14.32 -18.67 -14.98
CA CYS A 18 14.67 -19.87 -15.74
C CYS A 18 14.63 -19.62 -17.25
N GLU A 19 13.66 -18.81 -17.69
CA GLU A 19 13.54 -18.49 -19.11
C GLU A 19 14.73 -17.67 -19.58
N LEU A 20 15.11 -16.67 -18.77
CA LEU A 20 16.26 -15.82 -19.09
C LEU A 20 17.56 -16.62 -19.02
N GLY A 21 17.65 -17.53 -18.06
CA GLY A 21 18.81 -18.38 -17.90
C GLY A 21 19.00 -19.27 -19.11
N LEU A 22 17.90 -19.87 -19.58
CA LEU A 22 17.94 -20.71 -20.78
C LEU A 22 18.51 -19.93 -21.96
N ALA A 23 18.07 -18.69 -22.10
CA ALA A 23 18.48 -17.86 -23.22
C ALA A 23 19.89 -17.26 -23.07
N GLY A 24 20.58 -17.55 -21.96
CA GLY A 24 21.92 -17.04 -21.75
C GLY A 24 22.05 -15.57 -21.34
N VAL A 25 20.99 -15.04 -20.72
CA VAL A 25 20.98 -13.63 -20.30
C VAL A 25 21.43 -13.45 -18.85
N ASP A 26 22.35 -12.51 -18.62
CA ASP A 26 22.79 -12.22 -17.26
C ASP A 26 21.62 -11.72 -16.42
N THR A 27 21.33 -12.43 -15.34
CA THR A 27 20.09 -12.22 -14.59
C THR A 27 20.29 -12.33 -13.07
N VAL A 28 19.63 -11.44 -12.32
CA VAL A 28 19.64 -11.49 -10.85
C VAL A 28 18.24 -11.46 -10.29
N VAL A 29 17.89 -12.36 -9.39
CA VAL A 29 16.62 -12.15 -8.73
C VAL A 29 16.85 -11.72 -7.27
N LEU A 30 16.12 -10.69 -6.88
CA LEU A 30 16.15 -10.16 -5.54
C LEU A 30 14.88 -10.60 -4.84
N GLU A 31 15.04 -11.33 -3.73
CA GLU A 31 13.92 -11.90 -3.02
C GLU A 31 14.05 -11.68 -1.53
N ARG A 32 12.93 -11.28 -0.90
CA ARG A 32 12.91 -10.90 0.50
C ARG A 32 13.17 -12.07 1.44
N HIS A 33 12.55 -13.21 1.16
CA HIS A 33 12.62 -14.34 2.09
C HIS A 33 13.87 -15.21 1.93
N ASP A 34 14.24 -15.88 3.02
CA ASP A 34 15.41 -16.74 3.06
C ASP A 34 15.16 -18.07 2.34
N ALA A 35 13.89 -18.36 2.07
CA ALA A 35 13.51 -19.64 1.47
C ALA A 35 12.04 -19.57 1.12
N PRO A 36 11.56 -20.43 0.20
CA PRO A 36 10.13 -20.42 -0.13
C PRO A 36 9.31 -20.55 1.13
N ARG A 37 8.23 -19.79 1.22
CA ARG A 37 7.52 -19.80 2.49
C ARG A 37 6.59 -20.98 2.63
N GLU A 38 6.43 -21.38 3.88
CA GLU A 38 5.51 -22.42 4.29
C GLU A 38 4.56 -21.75 5.27
N PRO A 39 3.29 -22.13 5.24
CA PRO A 39 2.75 -23.10 4.28
C PRO A 39 2.49 -22.51 2.90
N SER A 40 2.39 -23.37 1.89
CA SER A 40 2.07 -22.95 0.53
C SER A 40 0.62 -22.53 0.43
N ARG A 41 0.37 -21.46 -0.32
CA ARG A 41 -0.98 -21.00 -0.54
C ARG A 41 -1.73 -21.94 -1.48
N GLY A 42 -1.01 -22.43 -2.49
CA GLY A 42 -1.58 -23.31 -3.49
C GLY A 42 -1.05 -24.73 -3.42
N GLY A 43 -1.89 -25.68 -3.84
CA GLY A 43 -1.52 -27.07 -3.83
C GLY A 43 -1.67 -27.77 -5.17
N ALA A 44 -1.96 -27.01 -6.22
CA ALA A 44 -2.06 -27.59 -7.55
C ALA A 44 -1.66 -26.60 -8.64
N ILE A 45 -1.27 -27.15 -9.79
CA ILE A 45 -1.01 -26.34 -10.97
C ILE A 45 -1.89 -26.86 -12.11
N ASN A 46 -2.33 -25.97 -12.98
CA ASN A 46 -3.30 -26.37 -14.00
C ASN A 46 -2.61 -26.67 -15.33
N ALA A 47 -3.41 -26.92 -16.36
CA ALA A 47 -2.90 -27.42 -17.64
C ALA A 47 -1.88 -26.49 -18.29
N THR A 48 -2.16 -25.19 -18.24
CA THR A 48 -1.26 -24.17 -18.76
C THR A 48 0.13 -24.33 -18.12
N VAL A 49 0.17 -24.40 -16.80
CA VAL A 49 1.43 -24.48 -16.07
C VAL A 49 2.14 -25.80 -16.36
N VAL A 50 1.38 -26.88 -16.46
CA VAL A 50 1.98 -28.19 -16.72
C VAL A 50 2.64 -28.20 -18.08
N GLU A 51 1.97 -27.64 -19.07
CA GLU A 51 2.48 -27.57 -20.43
C GLU A 51 3.72 -26.68 -20.52
N LEU A 52 3.65 -25.49 -19.93
CA LEU A 52 4.77 -24.54 -19.99
C LEU A 52 5.99 -25.06 -19.21
N PHE A 53 5.76 -25.84 -18.15
CA PHE A 53 6.84 -26.53 -17.45
C PHE A 53 7.41 -27.64 -18.35
N THR A 54 6.52 -28.36 -19.02
CA THR A 54 6.92 -29.51 -19.83
C THR A 54 7.83 -29.08 -20.99
N GLN A 55 7.50 -27.97 -21.65
CA GLN A 55 8.31 -27.51 -22.78
C GLN A 55 9.67 -26.94 -22.35
N ARG A 56 10.01 -27.06 -21.07
CA ARG A 56 11.34 -26.74 -20.56
C ARG A 56 11.92 -27.91 -19.74
N GLY A 57 11.31 -29.08 -19.86
CA GLY A 57 11.70 -30.22 -19.04
C GLY A 57 11.57 -30.06 -17.53
N ILE A 58 10.73 -29.16 -17.05
CA ILE A 58 10.61 -28.90 -15.61
C ILE A 58 9.69 -29.90 -14.89
N MET A 59 8.65 -30.38 -15.59
CA MET A 59 7.78 -31.41 -15.01
C MET A 59 8.57 -32.68 -14.65
N GLU A 60 9.57 -33.01 -15.44
CA GLU A 60 10.45 -34.10 -15.09
C GLU A 60 11.07 -33.83 -13.73
N SER A 61 11.53 -32.61 -13.49
CA SER A 61 12.18 -32.34 -12.21
C SER A 61 11.14 -32.39 -11.09
N LEU A 62 9.86 -32.26 -11.44
CA LEU A 62 8.80 -32.35 -10.43
C LEU A 62 8.11 -33.73 -10.23
N ARG A 63 8.54 -34.76 -10.96
CA ARG A 63 7.73 -35.99 -11.06
C ARG A 63 7.48 -36.68 -9.73
N ASP A 64 8.39 -36.51 -8.79
CA ASP A 64 8.29 -37.17 -7.50
C ASP A 64 7.87 -36.21 -6.40
N ASP A 65 7.41 -35.02 -6.78
CA ASP A 65 7.00 -34.02 -5.81
C ASP A 65 5.49 -33.95 -5.71
N GLY A 66 4.80 -34.67 -6.58
CA GLY A 66 3.35 -34.64 -6.59
C GLY A 66 2.77 -35.63 -7.58
N PHE A 67 1.49 -35.47 -7.93
CA PHE A 67 0.86 -36.44 -8.81
C PHE A 67 -0.13 -35.81 -9.80
N GLU A 68 -0.23 -36.38 -10.99
CA GLU A 68 -1.21 -35.95 -11.96
C GLU A 68 -2.64 -36.17 -11.47
N PHE A 69 -3.51 -35.18 -11.65
CA PHE A 69 -4.94 -35.44 -11.47
C PHE A 69 -5.75 -34.76 -12.59
N ARG A 70 -6.95 -35.29 -12.81
CA ARG A 70 -7.71 -34.97 -14.02
C ARG A 70 -9.09 -34.45 -13.69
N MET A 71 -9.16 -33.60 -12.68
CA MET A 71 -10.41 -32.95 -12.31
C MET A 71 -10.33 -31.45 -12.55
N ALA A 72 -11.49 -30.84 -12.72
CA ALA A 72 -11.61 -29.41 -12.96
C ALA A 72 -13.01 -28.97 -12.62
N HIS A 73 -13.19 -27.68 -12.40
CA HIS A 73 -14.49 -27.12 -12.08
C HIS A 73 -14.62 -25.69 -12.53
N PHE A 74 -15.86 -25.22 -12.65
CA PHE A 74 -16.15 -23.82 -12.90
C PHE A 74 -16.99 -23.29 -11.72
N ALA A 75 -16.37 -22.52 -10.84
CA ALA A 75 -17.02 -22.04 -9.61
C ALA A 75 -17.64 -23.20 -8.85
N HIS A 76 -16.90 -24.32 -8.82
CA HIS A 76 -17.24 -25.54 -8.08
C HIS A 76 -18.39 -26.32 -8.71
N ILE A 77 -18.76 -25.96 -9.93
CA ILE A 77 -19.52 -26.87 -10.79
C ILE A 77 -18.54 -27.88 -11.39
N PRO A 78 -18.70 -29.17 -11.07
CA PRO A 78 -17.73 -30.16 -11.55
C PRO A 78 -17.74 -30.30 -13.07
N LEU A 79 -16.55 -30.41 -13.68
CA LEU A 79 -16.43 -30.59 -15.11
C LEU A 79 -15.84 -31.97 -15.39
N ALA A 80 -15.75 -32.36 -16.66
CA ALA A 80 -15.17 -33.66 -17.02
C ALA A 80 -14.07 -33.49 -18.07
N PRO A 81 -12.85 -33.17 -17.63
CA PRO A 81 -11.72 -32.85 -18.51
C PRO A 81 -11.36 -34.00 -19.47
N GLU A 82 -11.58 -35.23 -19.05
CA GLU A 82 -11.15 -36.37 -19.85
C GLU A 82 -12.07 -36.63 -21.03
N ARG A 83 -13.23 -35.96 -21.06
CA ARG A 83 -14.12 -36.09 -22.22
C ARG A 83 -13.66 -35.20 -23.36
N VAL A 84 -12.68 -34.37 -23.12
CA VAL A 84 -12.33 -33.36 -24.07
C VAL A 84 -11.33 -33.82 -25.11
N PRO A 85 -11.64 -33.64 -26.38
CA PRO A 85 -10.71 -34.02 -27.41
C PRO A 85 -9.44 -33.22 -27.34
N GLY A 86 -8.37 -33.92 -27.56
CA GLY A 86 -7.09 -33.30 -27.70
C GLY A 86 -6.05 -34.08 -26.93
N ASP A 87 -4.88 -33.53 -26.92
CA ASP A 87 -3.82 -34.10 -26.20
C ASP A 87 -3.34 -33.09 -25.15
N ARG A 88 -4.23 -32.18 -24.78
CA ARG A 88 -3.88 -31.12 -23.87
C ARG A 88 -3.62 -31.64 -22.47
N ALA A 89 -2.76 -30.98 -21.68
CA ALA A 89 -2.48 -31.47 -20.34
C ALA A 89 -3.64 -31.41 -19.34
N PHE A 90 -3.53 -32.21 -18.32
CA PHE A 90 -4.36 -32.11 -17.16
C PHE A 90 -3.68 -31.35 -16.04
N SER A 91 -4.19 -31.49 -14.84
CA SER A 91 -3.62 -30.86 -13.69
C SER A 91 -2.59 -31.69 -12.92
N PHE A 92 -1.84 -31.03 -12.07
CA PHE A 92 -0.85 -31.67 -11.22
C PHE A 92 -0.88 -31.17 -9.75
N ALA A 93 -0.93 -32.10 -8.80
CA ALA A 93 -1.01 -31.78 -7.38
C ALA A 93 0.38 -31.71 -6.80
N VAL A 94 0.74 -30.52 -6.32
CA VAL A 94 2.06 -30.24 -5.77
C VAL A 94 2.00 -28.92 -5.01
N PRO A 95 2.58 -28.89 -3.80
CA PRO A 95 2.56 -27.59 -3.12
C PRO A 95 3.44 -26.56 -3.84
N HIS A 96 3.00 -25.30 -3.87
CA HIS A 96 3.71 -24.29 -4.64
C HIS A 96 5.11 -24.00 -4.11
N ALA A 97 5.34 -24.23 -2.81
CA ALA A 97 6.66 -24.00 -2.25
C ALA A 97 7.67 -24.92 -2.94
N GLN A 98 7.26 -26.15 -3.18
CA GLN A 98 8.11 -27.13 -3.87
C GLN A 98 8.32 -26.78 -5.36
N VAL A 99 7.28 -26.23 -5.99
CA VAL A 99 7.44 -25.73 -7.34
C VAL A 99 8.50 -24.65 -7.33
N GLU A 100 8.44 -23.77 -6.34
CA GLU A 100 9.40 -22.69 -6.20
C GLU A 100 10.81 -23.24 -6.01
N ARG A 101 10.93 -24.26 -5.16
CA ARG A 101 12.23 -24.88 -4.94
C ARG A 101 12.81 -25.46 -6.23
N ARG A 102 11.97 -26.11 -7.05
CA ARG A 102 12.47 -26.66 -8.31
C ARG A 102 12.83 -25.57 -9.32
N LEU A 103 12.02 -24.51 -9.38
CA LEU A 103 12.33 -23.40 -10.28
C LEU A 103 13.62 -22.68 -9.89
N GLU A 104 13.78 -22.41 -8.60
CA GLU A 104 15.04 -21.82 -8.12
C GLU A 104 16.24 -22.73 -8.42
N GLU A 105 16.09 -24.02 -8.16
CA GLU A 105 17.14 -25.00 -8.46
C GLU A 105 17.58 -24.95 -9.93
N ARG A 106 16.58 -24.91 -10.81
CA ARG A 106 16.84 -24.81 -12.24
C ARG A 106 17.50 -23.47 -12.63
N ALA A 107 16.99 -22.37 -12.09
CA ALA A 107 17.55 -21.05 -12.37
C ALA A 107 19.01 -20.98 -11.96
N ARG A 108 19.33 -21.50 -10.78
CA ARG A 108 20.72 -21.51 -10.32
C ARG A 108 21.59 -22.38 -11.22
N SER A 109 21.12 -23.58 -11.57
CA SER A 109 21.92 -24.42 -12.47
C SER A 109 22.24 -23.73 -13.80
N LEU A 110 21.41 -22.78 -14.21
CA LEU A 110 21.64 -22.05 -15.45
C LEU A 110 22.50 -20.81 -15.26
N GLY A 111 22.97 -20.58 -14.04
CA GLY A 111 23.82 -19.44 -13.78
C GLY A 111 23.10 -18.14 -13.39
N VAL A 112 21.79 -18.22 -13.17
CA VAL A 112 21.10 -17.03 -12.69
C VAL A 112 21.56 -16.71 -11.26
N ARG A 113 21.78 -15.45 -10.96
CA ARG A 113 22.13 -15.08 -9.59
C ARG A 113 20.86 -14.91 -8.81
N VAL A 114 20.70 -15.71 -7.76
CA VAL A 114 19.49 -15.60 -6.94
C VAL A 114 19.91 -15.10 -5.57
N ARG A 115 19.53 -13.88 -5.26
CA ARG A 115 19.93 -13.26 -4.00
C ARG A 115 18.74 -13.19 -3.04
N ARG A 116 18.65 -14.14 -2.14
CA ARG A 116 17.58 -14.11 -1.14
C ARG A 116 17.92 -13.18 0.03
N SER A 117 16.99 -13.06 0.97
CA SER A 117 17.16 -12.20 2.13
C SER A 117 17.46 -10.77 1.72
N THR A 118 16.89 -10.33 0.60
CA THR A 118 17.13 -8.98 0.09
C THR A 118 15.83 -8.20 -0.05
N GLU A 119 15.74 -7.09 0.69
CA GLU A 119 14.59 -6.19 0.63
C GLU A 119 14.83 -5.11 -0.40
N ILE A 120 14.03 -5.07 -1.45
CA ILE A 120 14.09 -3.92 -2.33
C ILE A 120 13.35 -2.76 -1.68
N THR A 121 13.95 -1.58 -1.67
CA THR A 121 13.31 -0.42 -1.04
C THR A 121 12.94 0.67 -2.05
N SER A 122 13.67 0.76 -3.15
CA SER A 122 13.32 1.75 -4.18
C SER A 122 13.79 1.26 -5.54
N VAL A 123 13.12 1.71 -6.58
CA VAL A 123 13.50 1.33 -7.94
C VAL A 123 13.38 2.56 -8.84
N ARG A 124 14.32 2.70 -9.76
CA ARG A 124 14.38 3.87 -10.63
C ARG A 124 14.93 3.49 -11.98
N GLN A 125 14.72 4.34 -12.97
CA GLN A 125 15.34 4.14 -14.26
C GLN A 125 15.87 5.42 -14.85
N THR A 126 16.89 5.26 -15.69
CA THR A 126 17.52 6.32 -16.43
C THR A 126 17.45 5.89 -17.90
N PRO A 127 17.69 6.80 -18.84
CA PRO A 127 17.68 6.41 -20.26
C PRO A 127 18.55 5.19 -20.55
N ASP A 128 19.64 5.03 -19.79
CA ASP A 128 20.54 3.92 -20.06
C ASP A 128 20.40 2.75 -19.10
N GLY A 129 19.48 2.78 -18.14
CA GLY A 129 19.43 1.66 -17.22
C GLY A 129 18.41 1.67 -16.10
N VAL A 130 18.54 0.69 -15.21
CA VAL A 130 17.68 0.63 -14.03
C VAL A 130 18.57 0.52 -12.82
N GLN A 131 18.07 1.08 -11.71
CA GLN A 131 18.79 1.11 -10.45
C GLN A 131 17.85 0.71 -9.33
N VAL A 132 18.18 -0.33 -8.56
CA VAL A 132 17.33 -0.67 -7.42
C VAL A 132 18.11 -0.70 -6.11
N THR A 133 17.50 -0.15 -5.09
CA THR A 133 18.13 -0.03 -3.79
C THR A 133 17.60 -1.10 -2.84
N THR A 134 18.46 -1.59 -1.96
CA THR A 134 18.08 -2.62 -1.02
C THR A 134 18.10 -2.07 0.41
N GLY A 135 17.45 -2.79 1.32
CA GLY A 135 17.40 -2.41 2.72
C GLY A 135 18.77 -2.28 3.40
N ASP A 136 19.75 -3.04 2.93
CA ASP A 136 21.10 -2.96 3.49
C ASP A 136 21.91 -1.82 2.90
N GLY A 137 21.29 -1.03 2.02
CA GLY A 137 21.94 0.16 1.50
C GLY A 137 22.79 -0.02 0.26
N GLU A 138 22.53 -1.04 -0.53
CA GLU A 138 23.32 -1.22 -1.74
C GLU A 138 22.50 -0.95 -2.99
N VAL A 139 23.20 -0.70 -4.10
CA VAL A 139 22.52 -0.46 -5.36
C VAL A 139 22.83 -1.57 -6.34
N VAL A 140 21.77 -2.16 -6.91
CA VAL A 140 21.88 -3.13 -7.99
C VAL A 140 21.51 -2.47 -9.29
N GLU A 141 22.40 -2.54 -10.27
CA GLU A 141 22.18 -1.88 -11.54
C GLU A 141 21.95 -2.87 -12.64
N GLY A 142 21.20 -2.46 -13.67
CA GLY A 142 20.89 -3.37 -14.76
C GLY A 142 20.36 -2.64 -15.98
N ALA A 143 19.96 -3.39 -16.99
CA ALA A 143 19.44 -2.78 -18.20
C ALA A 143 17.92 -2.76 -18.18
N TYR A 144 17.34 -3.82 -17.62
CA TYR A 144 15.88 -3.94 -17.50
C TYR A 144 15.51 -4.46 -16.11
N LEU A 145 14.36 -4.01 -15.62
CA LEU A 145 13.81 -4.46 -14.35
C LEU A 145 12.42 -5.07 -14.55
N VAL A 146 12.16 -6.24 -13.97
CA VAL A 146 10.83 -6.81 -14.08
C VAL A 146 10.24 -7.01 -12.70
N GLY A 147 9.09 -6.38 -12.46
CA GLY A 147 8.39 -6.52 -11.20
C GLY A 147 7.59 -7.82 -11.13
N CYS A 148 8.15 -8.80 -10.42
CA CYS A 148 7.45 -10.03 -10.08
C CYS A 148 7.28 -10.08 -8.56
N ASP A 149 6.97 -8.93 -7.98
CA ASP A 149 7.01 -8.79 -6.53
C ASP A 149 5.62 -8.83 -5.88
N GLY A 150 4.70 -9.56 -6.51
CA GLY A 150 3.43 -9.86 -5.88
C GLY A 150 2.34 -8.82 -5.98
N SER A 151 1.25 -9.10 -5.31
CA SER A 151 0.05 -8.33 -5.36
C SER A 151 0.23 -6.88 -4.89
N ALA A 152 1.03 -6.68 -3.87
CA ALA A 152 1.32 -5.37 -3.38
C ALA A 152 2.57 -4.70 -4.00
N SER A 153 2.89 -4.99 -5.24
CA SER A 153 4.13 -4.69 -5.86
C SER A 153 4.62 -3.23 -5.69
N LEU A 154 5.77 -3.15 -5.08
CA LEU A 154 6.50 -1.94 -4.94
C LEU A 154 6.92 -1.42 -6.30
N VAL A 155 7.33 -2.31 -7.19
CA VAL A 155 7.79 -1.87 -8.50
C VAL A 155 6.68 -1.21 -9.28
N ARG A 156 5.49 -1.82 -9.30
CA ARG A 156 4.32 -1.21 -9.90
C ARG A 156 4.02 0.19 -9.36
N GLU A 157 4.04 0.34 -8.04
CA GLU A 157 3.80 1.61 -7.40
C GLU A 157 4.82 2.67 -7.75
N GLN A 158 6.06 2.30 -7.70
CA GLN A 158 7.12 3.27 -7.95
C GLN A 158 7.29 3.58 -9.43
N ALA A 159 6.78 2.71 -10.31
CA ALA A 159 6.79 3.02 -11.74
C ALA A 159 5.57 3.89 -12.08
N GLY A 160 4.68 4.09 -11.13
CA GLY A 160 3.51 4.92 -11.33
C GLY A 160 2.44 4.28 -12.18
N ILE A 161 2.42 2.95 -12.20
CA ILE A 161 1.42 2.21 -12.97
C ILE A 161 0.20 1.91 -12.10
N PRO A 162 -0.97 2.45 -12.49
CA PRO A 162 -2.22 2.24 -11.76
C PRO A 162 -2.70 0.80 -11.80
N PHE A 163 -3.42 0.40 -10.76
CA PHE A 163 -3.88 -0.96 -10.57
C PHE A 163 -5.41 -1.01 -10.45
N PRO A 164 -6.14 -0.66 -11.53
CA PRO A 164 -7.61 -0.58 -11.46
C PRO A 164 -8.26 -1.95 -11.37
N GLY A 165 -9.51 -1.96 -10.92
CA GLY A 165 -10.28 -3.17 -10.72
C GLY A 165 -11.20 -3.00 -9.52
N VAL A 166 -11.47 -4.11 -8.82
CA VAL A 166 -12.39 -4.07 -7.69
C VAL A 166 -11.93 -4.89 -6.49
N ASP A 167 -12.55 -4.58 -5.35
CA ASP A 167 -12.30 -5.22 -4.07
C ASP A 167 -13.66 -5.51 -3.45
N PRO A 168 -14.32 -6.58 -3.88
CA PRO A 168 -15.67 -6.87 -3.36
C PRO A 168 -15.65 -7.10 -1.86
N ASP A 169 -16.78 -6.86 -1.21
CA ASP A 169 -16.99 -7.34 0.14
C ASP A 169 -16.84 -8.84 0.14
N PHE A 170 -15.97 -9.35 1.01
CA PHE A 170 -15.61 -10.76 1.00
C PHE A 170 -14.90 -11.15 2.28
N HIS A 171 -15.39 -12.19 2.91
CA HIS A 171 -14.78 -12.73 4.13
C HIS A 171 -14.07 -14.03 3.78
N GLY A 172 -12.75 -13.95 3.64
CA GLY A 172 -11.96 -15.11 3.30
C GLY A 172 -10.96 -15.47 4.38
N LEU A 173 -10.96 -16.73 4.77
CA LEU A 173 -10.01 -17.23 5.75
C LEU A 173 -9.31 -18.47 5.21
N TRP A 174 -8.08 -18.68 5.63
CA TRP A 174 -7.42 -19.95 5.38
C TRP A 174 -6.33 -20.25 6.40
N GLY A 175 -6.07 -21.53 6.55
CA GLY A 175 -4.96 -21.96 7.38
C GLY A 175 -4.80 -23.46 7.41
N ASP A 176 -3.74 -23.92 8.07
CA ASP A 176 -3.48 -25.35 8.22
C ASP A 176 -3.79 -25.80 9.63
N ILE A 177 -4.61 -26.83 9.76
CA ILE A 177 -5.02 -27.28 11.06
C ILE A 177 -4.62 -28.73 11.29
N LYS A 178 -3.94 -28.97 12.40
CA LYS A 178 -3.64 -30.31 12.88
C LYS A 178 -4.84 -30.80 13.67
N VAL A 179 -5.48 -31.86 13.18
CA VAL A 179 -6.73 -32.30 13.73
C VAL A 179 -6.58 -33.69 14.32
N GLU A 180 -7.50 -34.04 15.21
CA GLU A 180 -7.52 -35.37 15.80
C GLU A 180 -8.23 -36.32 14.84
N PRO A 181 -7.87 -37.61 14.88
CA PRO A 181 -8.57 -38.55 14.01
C PRO A 181 -10.06 -38.57 14.32
N GLY A 182 -10.89 -38.72 13.29
CA GLY A 182 -12.32 -38.61 13.48
C GLY A 182 -12.84 -37.17 13.44
N ALA A 183 -11.96 -36.20 13.22
CA ALA A 183 -12.37 -34.79 13.13
C ALA A 183 -13.49 -34.60 12.13
N PRO A 184 -14.58 -33.94 12.54
CA PRO A 184 -15.75 -33.73 11.67
C PRO A 184 -15.44 -32.98 10.39
N VAL A 185 -14.40 -32.16 10.39
CA VAL A 185 -14.07 -31.39 9.19
C VAL A 185 -13.68 -32.33 8.03
N LEU A 186 -13.26 -33.54 8.37
CA LEU A 186 -12.87 -34.53 7.36
C LEU A 186 -14.10 -35.05 6.63
N GLU A 187 -15.28 -34.69 7.13
CA GLU A 187 -16.54 -35.02 6.47
C GLU A 187 -16.81 -34.03 5.34
N ARG A 188 -15.88 -33.10 5.11
CA ARG A 188 -16.13 -32.08 4.09
C ARG A 188 -14.97 -31.89 3.14
N ILE A 189 -14.21 -32.96 2.91
CA ILE A 189 -13.07 -32.93 2.01
C ILE A 189 -13.52 -32.55 0.60
N GLY A 190 -12.78 -31.63 -0.02
CA GLY A 190 -13.12 -31.15 -1.35
C GLY A 190 -13.31 -29.64 -1.33
N ALA A 191 -13.43 -29.07 -2.52
CA ALA A 191 -13.76 -27.67 -2.68
C ALA A 191 -15.22 -27.59 -3.11
N ARG A 192 -16.05 -27.02 -2.25
CA ARG A 192 -17.49 -27.04 -2.52
C ARG A 192 -18.17 -25.69 -2.28
N GLN A 193 -19.25 -25.47 -3.04
CA GLN A 193 -20.12 -24.33 -2.86
C GLN A 193 -21.31 -24.77 -2.04
N TYR A 194 -21.48 -24.14 -0.89
CA TYR A 194 -22.56 -24.44 0.02
C TYR A 194 -23.60 -23.32 -0.06
N GLU A 195 -24.63 -23.42 0.75
CA GLU A 195 -25.67 -22.40 0.85
C GLU A 195 -25.15 -20.95 0.98
N LEU A 196 -24.17 -20.72 1.84
CA LEU A 196 -23.78 -19.34 2.16
C LEU A 196 -22.48 -18.90 1.46
N GLY A 197 -21.64 -19.88 1.16
CA GLY A 197 -20.37 -19.56 0.52
C GLY A 197 -19.57 -20.81 0.26
N LEU A 198 -18.27 -20.63 0.07
CA LEU A 198 -17.42 -21.73 -0.32
C LEU A 198 -16.60 -22.23 0.84
N CYS A 199 -16.28 -23.52 0.78
CA CYS A 199 -15.31 -24.08 1.71
C CYS A 199 -14.51 -25.16 1.02
N MET A 200 -13.19 -25.11 1.19
CA MET A 200 -12.32 -26.18 0.74
C MET A 200 -11.60 -26.81 1.91
N VAL A 201 -11.70 -28.13 2.01
CA VAL A 201 -10.94 -28.88 3.00
C VAL A 201 -10.03 -29.86 2.24
N ALA A 202 -8.73 -29.79 2.48
CA ALA A 202 -7.79 -30.67 1.79
C ALA A 202 -6.75 -31.25 2.73
N PRO A 203 -6.70 -32.59 2.85
CA PRO A 203 -5.64 -33.22 3.63
C PRO A 203 -4.27 -32.86 3.07
N ILE A 204 -3.36 -32.40 3.91
CA ILE A 204 -2.04 -32.00 3.44
C ILE A 204 -0.95 -32.69 4.25
N GLY A 205 -1.36 -33.57 5.16
CA GLY A 205 -0.42 -34.36 5.93
C GLY A 205 -1.20 -35.38 6.73
N PRO A 206 -0.52 -36.39 7.29
CA PRO A 206 -1.15 -37.54 7.96
C PRO A 206 -2.26 -37.13 8.94
N ASP A 207 -2.07 -36.01 9.63
CA ASP A 207 -3.13 -35.49 10.49
C ASP A 207 -3.26 -33.97 10.36
N THR A 208 -2.99 -33.46 9.16
CA THR A 208 -3.14 -32.03 8.92
C THR A 208 -3.98 -31.76 7.66
N VAL A 209 -4.93 -30.83 7.79
CA VAL A 209 -5.77 -30.39 6.66
C VAL A 209 -5.60 -28.90 6.38
N ARG A 210 -5.65 -28.54 5.11
CA ARG A 210 -5.81 -27.14 4.77
C ARG A 210 -7.30 -26.82 4.78
N VAL A 211 -7.68 -25.72 5.42
CA VAL A 211 -9.06 -25.26 5.39
C VAL A 211 -9.12 -23.83 4.84
N ILE A 212 -9.99 -23.64 3.86
CA ILE A 212 -10.24 -22.36 3.21
C ILE A 212 -11.73 -22.07 3.23
N THR A 213 -12.11 -20.90 3.75
CA THR A 213 -13.50 -20.44 3.68
C THR A 213 -13.57 -19.14 2.91
N GLY A 214 -14.69 -18.93 2.23
CA GLY A 214 -14.95 -17.66 1.57
C GLY A 214 -16.44 -17.34 1.45
N GLU A 215 -16.82 -16.17 1.91
CA GLU A 215 -18.22 -15.73 1.80
C GLU A 215 -18.29 -14.33 1.22
N PHE A 216 -18.99 -14.16 0.11
CA PHE A 216 -19.09 -12.86 -0.56
C PHE A 216 -20.15 -11.95 0.04
N ASP A 217 -19.95 -10.64 -0.15
CA ASP A 217 -20.97 -9.63 0.15
C ASP A 217 -21.47 -9.64 1.61
N VAL A 218 -20.55 -9.90 2.54
CA VAL A 218 -20.78 -9.77 3.96
C VAL A 218 -19.66 -8.91 4.58
N PRO A 219 -19.90 -8.30 5.74
CA PRO A 219 -18.81 -7.54 6.35
C PRO A 219 -17.67 -8.44 6.80
N SER A 220 -16.45 -7.92 6.80
CA SER A 220 -15.28 -8.69 7.22
C SER A 220 -14.23 -7.75 7.82
N PRO A 221 -13.38 -8.27 8.73
CA PRO A 221 -12.26 -7.43 9.18
C PRO A 221 -11.36 -7.07 8.01
N PRO A 222 -10.61 -5.97 8.12
CA PRO A 222 -9.65 -5.61 7.05
C PRO A 222 -8.57 -6.68 6.88
N ALA A 223 -8.00 -6.79 5.69
CA ALA A 223 -7.16 -7.94 5.33
C ALA A 223 -5.87 -8.04 6.12
N ASP A 224 -5.48 -6.97 6.78
CA ASP A 224 -4.22 -6.96 7.51
C ASP A 224 -4.40 -7.26 9.01
N GLN A 225 -5.63 -7.45 9.45
CA GLN A 225 -5.92 -7.74 10.85
C GLN A 225 -5.63 -9.22 11.11
N GLU A 226 -5.29 -9.56 12.35
CA GLU A 226 -4.98 -10.94 12.69
C GLU A 226 -6.23 -11.80 12.81
N VAL A 227 -6.07 -13.08 12.51
CA VAL A 227 -7.14 -14.04 12.61
C VAL A 227 -7.01 -14.86 13.88
N GLY A 228 -8.04 -14.83 14.73
CA GLY A 228 -8.14 -15.74 15.84
C GLY A 228 -8.82 -17.02 15.37
N PHE A 229 -8.44 -18.15 15.95
CA PHE A 229 -8.96 -19.46 15.55
C PHE A 229 -10.49 -19.53 15.61
N ASP A 230 -11.08 -18.78 16.53
CA ASP A 230 -12.53 -18.79 16.75
C ASP A 230 -13.27 -18.31 15.52
N GLU A 231 -12.64 -17.38 14.81
CA GLU A 231 -13.18 -16.85 13.56
C GLU A 231 -13.27 -17.93 12.47
N LEU A 232 -12.20 -18.70 12.30
CA LEU A 232 -12.23 -19.80 11.35
C LEU A 232 -13.22 -20.89 11.77
N ARG A 233 -13.26 -21.21 13.06
CA ARG A 233 -14.21 -22.21 13.53
C ARG A 233 -15.65 -21.78 13.19
N ALA A 234 -15.98 -20.52 13.47
CA ALA A 234 -17.33 -20.02 13.18
C ALA A 234 -17.62 -20.09 11.69
N ALA A 235 -16.66 -19.67 10.86
CA ALA A 235 -16.86 -19.68 9.41
C ALA A 235 -17.14 -21.09 8.87
N VAL A 236 -16.37 -22.06 9.35
CA VAL A 236 -16.57 -23.42 8.90
C VAL A 236 -17.91 -23.99 9.35
N ALA A 237 -18.31 -23.72 10.60
CA ALA A 237 -19.63 -24.18 11.04
C ALA A 237 -20.74 -23.51 10.24
N ARG A 238 -20.61 -22.22 10.00
CA ARG A 238 -21.62 -21.46 9.27
C ARG A 238 -21.77 -21.93 7.81
N ILE A 239 -20.65 -22.04 7.11
CA ILE A 239 -20.66 -22.34 5.69
C ILE A 239 -20.78 -23.83 5.38
N ALA A 240 -19.90 -24.64 5.98
CA ALA A 240 -19.80 -26.07 5.65
C ALA A 240 -20.71 -26.94 6.54
N GLY A 241 -21.20 -26.38 7.63
CA GLY A 241 -22.12 -27.09 8.51
C GLY A 241 -21.49 -28.23 9.29
N VAL A 242 -20.29 -27.99 9.76
CA VAL A 242 -19.50 -29.00 10.42
C VAL A 242 -18.60 -28.31 11.45
N GLU A 243 -18.23 -29.01 12.52
CA GLU A 243 -17.40 -28.42 13.56
C GLU A 243 -15.93 -28.61 13.25
N LEU A 244 -15.18 -27.52 13.26
CA LEU A 244 -13.74 -27.61 13.15
C LEU A 244 -13.09 -27.42 14.49
N ASP A 245 -12.16 -28.29 14.83
CA ASP A 245 -11.30 -28.06 15.98
C ASP A 245 -9.93 -28.65 15.71
N GLY A 246 -8.95 -28.30 16.54
CA GLY A 246 -7.59 -28.77 16.34
C GLY A 246 -6.62 -27.69 16.75
N VAL A 247 -5.39 -27.80 16.26
CA VAL A 247 -4.35 -26.81 16.52
C VAL A 247 -3.90 -26.20 15.21
N PRO A 248 -4.17 -24.91 15.03
CA PRO A 248 -3.79 -24.21 13.82
C PRO A 248 -2.32 -23.88 13.78
N GLY A 249 -1.72 -24.17 12.66
CA GLY A 249 -0.36 -23.82 12.38
C GLY A 249 -0.08 -22.50 11.74
N TRP A 250 -1.09 -21.91 11.17
CA TRP A 250 -1.00 -20.64 10.49
C TRP A 250 -2.45 -20.24 10.22
N LEU A 251 -2.78 -18.99 10.41
CA LEU A 251 -4.05 -18.41 10.00
C LEU A 251 -3.90 -17.07 9.30
N SER A 252 -4.57 -16.90 8.17
CA SER A 252 -4.57 -15.64 7.51
C SER A 252 -5.83 -15.34 6.72
N ARG A 253 -5.93 -14.11 6.30
CA ARG A 253 -7.07 -13.67 5.52
C ARG A 253 -6.68 -13.66 4.06
N TRP A 254 -7.68 -13.72 3.19
CA TRP A 254 -7.45 -13.49 1.78
C TRP A 254 -8.64 -12.73 1.25
N THR A 255 -8.44 -12.09 0.11
CA THR A 255 -9.46 -11.21 -0.44
C THR A 255 -9.93 -11.67 -1.79
N ALA A 256 -11.01 -11.05 -2.26
CA ALA A 256 -11.51 -11.32 -3.60
C ALA A 256 -11.08 -10.20 -4.56
N THR A 257 -9.94 -9.57 -4.27
CA THR A 257 -9.39 -8.55 -5.14
C THR A 257 -9.34 -9.06 -6.58
N SER A 258 -9.76 -8.21 -7.52
CA SER A 258 -9.65 -8.52 -8.94
C SER A 258 -9.22 -7.25 -9.66
N ARG A 259 -7.91 -7.13 -9.89
CA ARG A 259 -7.32 -5.92 -10.44
C ARG A 259 -6.25 -6.26 -11.47
N GLN A 260 -5.93 -5.32 -12.35
CA GLN A 260 -4.93 -5.54 -13.38
C GLN A 260 -4.16 -4.25 -13.68
N ALA A 261 -2.84 -4.34 -13.76
CA ALA A 261 -2.02 -3.20 -14.11
C ALA A 261 -2.44 -2.59 -15.46
N GLU A 262 -2.61 -1.26 -15.47
CA GLU A 262 -3.04 -0.54 -16.67
C GLU A 262 -2.08 -0.76 -17.85
N ARG A 263 -0.80 -0.88 -17.56
CA ARG A 263 0.20 -1.23 -18.57
C ARG A 263 1.26 -2.12 -17.96
N TYR A 264 1.80 -3.04 -18.75
CA TYR A 264 2.77 -4.01 -18.27
C TYR A 264 4.19 -3.51 -18.42
N ARG A 265 4.35 -2.37 -19.08
CA ARG A 265 5.69 -1.80 -19.34
C ARG A 265 5.72 -0.30 -19.18
N GLU A 266 6.74 0.20 -18.47
CA GLU A 266 7.04 1.62 -18.37
C GLU A 266 8.54 1.81 -18.62
N GLY A 267 8.92 2.06 -19.88
CA GLY A 267 10.33 2.15 -20.21
C GLY A 267 11.08 0.85 -19.98
N ARG A 268 12.09 0.89 -19.13
CA ARG A 268 12.90 -0.30 -18.87
C ARG A 268 12.34 -1.13 -17.72
N ILE A 269 11.15 -0.76 -17.26
CA ILE A 269 10.51 -1.48 -16.16
C ILE A 269 9.29 -2.21 -16.67
N LEU A 270 9.16 -3.48 -16.32
CA LEU A 270 8.01 -4.27 -16.73
C LEU A 270 7.40 -5.00 -15.53
N LEU A 271 6.19 -5.51 -15.70
CA LEU A 271 5.50 -6.22 -14.64
C LEU A 271 5.07 -7.62 -15.09
N ALA A 272 5.02 -8.56 -14.16
CA ALA A 272 4.55 -9.93 -14.44
C ALA A 272 3.91 -10.57 -13.21
N GLY A 273 3.02 -11.53 -13.42
CA GLY A 273 2.41 -12.23 -12.31
C GLY A 273 1.42 -11.37 -11.52
N ASP A 274 1.34 -11.62 -10.22
CA ASP A 274 0.38 -10.93 -9.34
C ASP A 274 0.59 -9.40 -9.36
N ALA A 275 1.82 -8.97 -9.55
CA ALA A 275 2.10 -7.54 -9.69
C ALA A 275 1.34 -6.95 -10.86
N ALA A 276 1.18 -7.77 -11.91
CA ALA A 276 0.49 -7.39 -13.14
C ALA A 276 -1.01 -7.63 -13.06
N HIS A 277 -1.41 -8.65 -12.30
CA HIS A 277 -2.82 -8.97 -12.18
C HIS A 277 -3.06 -9.77 -10.92
N THR A 278 -3.90 -9.23 -10.04
CA THR A 278 -4.33 -9.99 -8.89
C THR A 278 -5.76 -10.44 -9.11
N LEU A 279 -5.95 -11.74 -9.21
CA LEU A 279 -7.24 -12.30 -9.53
C LEU A 279 -7.69 -13.20 -8.40
N PHE A 280 -8.95 -13.61 -8.43
CA PHE A 280 -9.47 -14.55 -7.46
C PHE A 280 -8.80 -15.92 -7.64
N PRO A 281 -8.21 -16.46 -6.57
CA PRO A 281 -7.47 -17.74 -6.63
C PRO A 281 -8.34 -19.01 -6.74
N LEU A 282 -8.53 -19.47 -7.98
CA LEU A 282 -9.56 -20.44 -8.28
C LEU A 282 -9.28 -21.23 -9.57
N GLY A 283 -9.06 -22.54 -9.42
CA GLY A 283 -8.90 -23.42 -10.57
C GLY A 283 -7.54 -23.31 -11.24
N GLY A 284 -6.68 -22.47 -10.69
CA GLY A 284 -5.32 -22.41 -11.19
C GLY A 284 -5.03 -21.30 -12.19
N GLN A 285 -6.04 -20.52 -12.57
CA GLN A 285 -5.80 -19.37 -13.46
C GLN A 285 -4.97 -18.25 -12.82
N ALA A 286 -5.01 -18.14 -11.50
CA ALA A 286 -4.28 -17.08 -10.82
C ALA A 286 -2.78 -17.25 -11.05
N LEU A 287 -2.25 -18.43 -10.74
CA LEU A 287 -0.83 -18.67 -11.01
C LEU A 287 -0.57 -18.86 -12.51
N GLY A 288 -1.44 -19.63 -13.17
CA GLY A 288 -1.28 -19.92 -14.60
C GLY A 288 -1.04 -18.69 -15.44
N THR A 289 -1.86 -17.65 -15.25
CA THR A 289 -1.72 -16.41 -16.01
C THR A 289 -0.33 -15.76 -15.80
N GLY A 290 0.20 -15.88 -14.59
CA GLY A 290 1.50 -15.33 -14.24
C GLY A 290 2.65 -16.10 -14.88
N ILE A 291 2.58 -17.44 -14.77
CA ILE A 291 3.57 -18.30 -15.41
C ILE A 291 3.63 -18.01 -16.92
N GLU A 292 2.47 -17.90 -17.57
CA GLU A 292 2.50 -17.58 -18.99
C GLU A 292 2.98 -16.13 -19.26
N ASP A 293 2.73 -15.17 -18.36
CA ASP A 293 3.44 -13.88 -18.44
C ASP A 293 4.95 -14.12 -18.56
N ALA A 294 5.49 -14.92 -17.65
CA ALA A 294 6.92 -15.13 -17.57
C ALA A 294 7.48 -15.74 -18.85
N VAL A 295 6.76 -16.72 -19.38
CA VAL A 295 7.22 -17.39 -20.61
C VAL A 295 7.08 -16.47 -21.83
N ASN A 296 6.02 -15.68 -21.89
CA ASN A 296 5.86 -14.69 -22.95
C ASN A 296 7.01 -13.70 -22.95
N LEU A 297 7.40 -13.24 -21.76
CA LEU A 297 8.33 -12.13 -21.64
C LEU A 297 9.79 -12.55 -21.82
N GLY A 298 10.18 -13.68 -21.23
CA GLY A 298 11.58 -14.07 -21.18
C GLY A 298 12.34 -14.00 -22.49
N TRP A 299 11.86 -14.72 -23.50
CA TRP A 299 12.57 -14.76 -24.78
C TRP A 299 12.57 -13.39 -25.46
N LYS A 300 11.52 -12.60 -25.27
CA LYS A 300 11.45 -11.28 -25.89
C LYS A 300 12.47 -10.34 -25.26
N LEU A 301 12.61 -10.43 -23.95
CA LEU A 301 13.59 -9.64 -23.22
C LEU A 301 15.00 -10.06 -23.62
N ALA A 302 15.19 -11.38 -23.76
CA ALA A 302 16.46 -11.91 -24.20
C ALA A 302 16.83 -11.37 -25.58
N ALA A 303 15.87 -11.41 -26.51
CA ALA A 303 16.07 -10.89 -27.84
C ALA A 303 16.43 -9.42 -27.77
N THR A 304 15.77 -8.69 -26.87
CA THR A 304 16.05 -7.27 -26.72
C THR A 304 17.51 -7.03 -26.29
N VAL A 305 17.98 -7.73 -25.25
CA VAL A 305 19.35 -7.46 -24.79
C VAL A 305 20.41 -8.11 -25.69
N GLN A 306 20.04 -9.09 -26.51
CA GLN A 306 21.01 -9.72 -27.39
C GLN A 306 21.06 -9.02 -28.74
N GLY A 307 20.16 -8.04 -28.93
CA GLY A 307 20.20 -7.22 -30.14
C GLY A 307 19.42 -7.69 -31.36
N TRP A 308 18.76 -8.85 -31.30
CA TRP A 308 18.05 -9.33 -32.49
C TRP A 308 16.54 -9.09 -32.44
N ALA A 309 16.06 -8.39 -31.42
CA ALA A 309 14.65 -8.09 -31.31
C ALA A 309 14.25 -6.98 -32.27
N PRO A 310 13.23 -7.22 -33.10
CA PRO A 310 12.63 -6.15 -33.89
C PRO A 310 12.11 -5.06 -32.98
N PRO A 311 12.00 -3.82 -33.48
CA PRO A 311 11.70 -2.64 -32.66
C PRO A 311 10.48 -2.80 -31.75
N SER A 312 9.42 -3.45 -32.23
CA SER A 312 8.19 -3.54 -31.45
C SER A 312 7.99 -4.89 -30.76
N LEU A 313 9.02 -5.71 -30.68
CA LEU A 313 8.86 -7.03 -30.07
C LEU A 313 8.62 -6.94 -28.56
N LEU A 314 9.39 -6.11 -27.85
CA LEU A 314 9.18 -6.01 -26.40
C LEU A 314 7.79 -5.43 -26.07
N ASP A 315 7.34 -4.48 -26.88
CA ASP A 315 6.00 -3.91 -26.72
C ASP A 315 4.89 -4.96 -26.85
N SER A 316 5.14 -6.00 -27.64
CA SER A 316 4.12 -7.02 -27.84
C SER A 316 3.87 -7.75 -26.51
N TYR A 317 4.84 -7.71 -25.58
CA TYR A 317 4.60 -8.32 -24.28
C TYR A 317 3.37 -7.67 -23.64
N HIS A 318 3.33 -6.34 -23.60
CA HIS A 318 2.17 -5.70 -23.03
C HIS A 318 0.92 -6.04 -23.86
N GLU A 319 1.05 -6.06 -25.19
CA GLU A 319 -0.16 -6.14 -26.01
C GLU A 319 -0.81 -7.49 -25.82
N GLU A 320 -0.01 -8.54 -25.84
CA GLU A 320 -0.55 -9.89 -25.71
C GLU A 320 -0.96 -10.18 -24.26
N ARG A 321 -0.04 -9.99 -23.32
CA ARG A 321 -0.30 -10.42 -21.94
C ARG A 321 -1.37 -9.55 -21.24
N HIS A 322 -1.42 -8.26 -21.54
CA HIS A 322 -2.51 -7.48 -20.97
C HIS A 322 -3.82 -8.05 -21.50
N ALA A 323 -3.89 -8.36 -22.79
CA ALA A 323 -5.14 -8.87 -23.33
C ALA A 323 -5.43 -10.18 -22.61
N ALA A 324 -4.41 -11.01 -22.45
CA ALA A 324 -4.67 -12.32 -21.88
C ALA A 324 -5.07 -12.14 -20.41
N GLY A 325 -4.47 -11.15 -19.75
CA GLY A 325 -4.78 -10.92 -18.35
C GLY A 325 -6.22 -10.50 -18.22
N ALA A 326 -6.68 -9.68 -19.17
CA ALA A 326 -8.03 -9.18 -19.10
C ALA A 326 -8.98 -10.37 -19.25
N ARG A 327 -8.62 -11.31 -20.14
CA ARG A 327 -9.50 -12.44 -20.35
C ARG A 327 -9.56 -13.26 -19.07
N ALA A 328 -8.41 -13.40 -18.39
CA ALA A 328 -8.38 -14.24 -17.20
C ALA A 328 -9.24 -13.54 -16.15
N CYS A 329 -9.15 -12.22 -16.14
CA CYS A 329 -9.90 -11.42 -15.19
C CYS A 329 -11.39 -11.68 -15.43
N ALA A 330 -11.76 -11.60 -16.71
CA ALA A 330 -13.17 -11.71 -17.05
C ALA A 330 -13.65 -13.11 -16.68
N SER A 331 -12.78 -14.09 -16.88
CA SER A 331 -13.18 -15.46 -16.62
C SER A 331 -13.45 -15.64 -15.12
N THR A 332 -12.53 -15.13 -14.30
CA THR A 332 -12.60 -15.45 -12.88
C THR A 332 -13.75 -14.67 -12.24
N ARG A 333 -13.95 -13.45 -12.71
CA ARG A 333 -15.11 -12.67 -12.26
C ARG A 333 -16.42 -13.38 -12.62
N ALA A 334 -16.48 -13.98 -13.82
CA ALA A 334 -17.69 -14.71 -14.21
C ALA A 334 -17.96 -15.73 -13.11
N GLN A 335 -16.89 -16.42 -12.72
CA GLN A 335 -17.02 -17.46 -11.74
C GLN A 335 -17.47 -16.91 -10.39
N THR A 336 -16.86 -15.80 -9.94
CA THR A 336 -17.16 -15.36 -8.57
C THR A 336 -18.56 -14.78 -8.55
N THR A 337 -19.07 -14.43 -9.73
CA THR A 337 -20.43 -13.90 -9.77
C THR A 337 -21.39 -14.95 -9.23
N ILE A 338 -21.11 -16.24 -9.46
CA ILE A 338 -22.02 -17.26 -8.97
C ILE A 338 -21.45 -17.95 -7.76
N MET A 339 -20.61 -17.26 -7.01
CA MET A 339 -20.17 -17.82 -5.75
C MET A 339 -20.78 -17.04 -4.59
N ARG A 340 -21.78 -16.19 -4.91
CA ARG A 340 -22.65 -15.62 -3.88
C ARG A 340 -23.52 -16.72 -3.27
N SER A 341 -24.36 -16.36 -2.30
CA SER A 341 -25.24 -17.34 -1.66
C SER A 341 -26.21 -17.97 -2.66
N LEU A 342 -26.62 -19.21 -2.39
CA LEU A 342 -27.52 -19.90 -3.30
C LEU A 342 -28.91 -19.25 -3.29
N ALA A 343 -29.21 -18.50 -2.23
CA ALA A 343 -30.45 -17.74 -2.20
C ALA A 343 -30.44 -16.69 -3.33
N ARG A 344 -29.26 -16.29 -3.75
CA ARG A 344 -29.19 -15.30 -4.81
C ARG A 344 -28.79 -15.89 -6.16
N VAL A 345 -28.04 -16.99 -6.18
CA VAL A 345 -27.52 -17.48 -7.47
C VAL A 345 -27.77 -18.96 -7.72
N GLY A 346 -28.51 -19.60 -6.83
CA GLY A 346 -28.75 -21.04 -6.88
C GLY A 346 -29.34 -21.50 -8.20
N GLU A 347 -30.35 -20.79 -8.69
CA GLU A 347 -31.04 -21.17 -9.91
C GLU A 347 -30.11 -21.06 -11.12
N LEU A 348 -29.32 -19.99 -11.18
CA LEU A 348 -28.39 -19.84 -12.30
C LEU A 348 -27.29 -20.88 -12.24
N ARG A 349 -26.82 -21.21 -11.04
CA ARG A 349 -25.83 -22.28 -10.86
C ARG A 349 -26.40 -23.60 -11.38
N ALA A 350 -27.66 -23.91 -11.03
CA ALA A 350 -28.28 -25.16 -11.48
C ALA A 350 -28.42 -25.19 -13.01
N LEU A 351 -28.83 -24.06 -13.58
CA LEU A 351 -28.94 -23.95 -15.02
C LEU A 351 -27.57 -24.20 -15.71
N LEU A 352 -26.54 -23.51 -15.24
CA LEU A 352 -25.19 -23.69 -15.76
C LEU A 352 -24.68 -25.12 -15.59
N THR A 353 -25.08 -25.76 -14.51
CA THR A 353 -24.69 -27.14 -14.26
C THR A 353 -25.32 -28.02 -15.31
N GLU A 354 -26.58 -27.74 -15.64
CA GLU A 354 -27.23 -28.49 -16.72
C GLU A 354 -26.52 -28.24 -18.05
N LEU A 355 -26.18 -26.98 -18.34
CA LEU A 355 -25.55 -26.67 -19.63
C LEU A 355 -24.18 -27.35 -19.74
N ALA A 356 -23.47 -27.47 -18.62
CA ALA A 356 -22.16 -28.12 -18.63
C ALA A 356 -22.25 -29.61 -18.96
N GLY A 357 -23.46 -30.16 -18.98
CA GLY A 357 -23.68 -31.53 -19.43
C GLY A 357 -23.60 -31.66 -20.95
N LEU A 358 -23.75 -30.54 -21.65
CA LEU A 358 -23.59 -30.53 -23.10
C LEU A 358 -22.10 -30.57 -23.45
N GLU A 359 -21.72 -31.45 -24.38
CA GLU A 359 -20.29 -31.72 -24.63
C GLU A 359 -19.47 -30.48 -24.96
N GLU A 360 -20.00 -29.60 -25.82
CA GLU A 360 -19.24 -28.41 -26.20
C GLU A 360 -19.10 -27.39 -25.06
N VAL A 361 -20.07 -27.36 -24.15
CA VAL A 361 -19.97 -26.49 -23.00
C VAL A 361 -18.92 -27.02 -22.03
N ASN A 362 -18.94 -28.33 -21.79
CA ASN A 362 -17.93 -28.97 -20.97
C ASN A 362 -16.53 -28.66 -21.51
N ALA A 363 -16.37 -28.76 -22.83
CA ALA A 363 -15.07 -28.52 -23.44
C ALA A 363 -14.66 -27.06 -23.28
N TYR A 364 -15.57 -26.16 -23.64
CA TYR A 364 -15.34 -24.73 -23.47
C TYR A 364 -14.87 -24.39 -22.06
N LEU A 365 -15.60 -24.87 -21.05
CA LEU A 365 -15.28 -24.54 -19.65
C LEU A 365 -13.96 -25.18 -19.16
N VAL A 366 -13.72 -26.43 -19.52
CA VAL A 366 -12.48 -27.10 -19.15
C VAL A 366 -11.26 -26.35 -19.74
N ARG A 367 -11.34 -26.02 -21.02
CA ARG A 367 -10.25 -25.28 -21.68
C ARG A 367 -10.06 -23.91 -20.99
N MET A 368 -11.15 -23.17 -20.79
CA MET A 368 -11.08 -21.87 -20.13
C MET A 368 -10.43 -21.92 -18.74
N VAL A 369 -10.93 -22.75 -17.84
CA VAL A 369 -10.37 -22.73 -16.50
C VAL A 369 -8.96 -23.36 -16.49
N GLY A 370 -8.62 -24.18 -17.48
CA GLY A 370 -7.25 -24.65 -17.62
C GLY A 370 -6.30 -23.64 -18.27
N GLY A 371 -6.86 -22.50 -18.70
CA GLY A 371 -6.13 -21.47 -19.43
C GLY A 371 -5.73 -21.87 -20.84
N ILE A 372 -6.38 -22.88 -21.38
CA ILE A 372 -5.98 -23.47 -22.63
C ILE A 372 -6.76 -22.90 -23.81
N ASP A 373 -6.04 -22.41 -24.81
CA ASP A 373 -6.66 -22.01 -26.06
C ASP A 373 -5.90 -22.59 -27.25
N GLY A 374 -6.24 -22.13 -28.43
CA GLY A 374 -5.59 -22.65 -29.62
C GLY A 374 -4.27 -22.00 -29.93
N SER A 375 -3.71 -21.19 -29.03
CA SER A 375 -2.50 -20.44 -29.40
C SER A 375 -1.23 -21.26 -29.29
N ARG A 376 -1.29 -22.39 -28.58
CA ARG A 376 -0.18 -23.32 -28.51
C ARG A 376 -0.67 -24.72 -28.89
N LEU A 377 0.27 -25.57 -29.25
CA LEU A 377 -0.01 -26.95 -29.61
C LEU A 377 0.00 -27.87 -28.39
N PRO A 378 -0.65 -29.04 -28.52
CA PRO A 378 -0.42 -30.13 -27.56
C PRO A 378 0.96 -30.74 -27.72
N ASP A 379 1.45 -31.37 -26.66
CA ASP A 379 2.67 -32.16 -26.71
C ASP A 379 2.38 -33.52 -27.37
N VAL A 380 2.47 -33.56 -28.70
CA VAL A 380 2.20 -34.75 -29.51
C VAL A 380 3.48 -35.50 -29.90
N PRO A 381 3.46 -36.84 -29.91
CA PRO A 381 4.66 -37.55 -30.38
C PRO A 381 4.97 -37.26 -31.85
N LEU A 382 6.26 -37.16 -32.16
CA LEU A 382 6.72 -36.83 -33.50
C LEU A 382 7.78 -37.82 -33.96
N VAL A 383 7.82 -38.06 -35.26
CA VAL A 383 8.90 -38.87 -35.84
C VAL A 383 9.74 -38.03 -36.78
N THR A 384 11.02 -37.88 -36.43
CA THR A 384 11.93 -37.13 -37.30
C THR A 384 13.01 -38.06 -37.80
N ALA A 385 13.86 -37.55 -38.69
CA ALA A 385 15.02 -38.27 -39.19
C ALA A 385 15.94 -38.70 -38.05
N GLU A 386 15.87 -38.02 -36.91
CA GLU A 386 16.73 -38.34 -35.79
C GLU A 386 16.02 -39.22 -34.77
N GLY A 387 14.89 -39.80 -35.16
CA GLY A 387 14.17 -40.71 -34.29
C GLY A 387 12.93 -40.08 -33.68
N GLU A 388 12.49 -40.62 -32.56
CA GLU A 388 11.24 -40.17 -31.97
C GLU A 388 11.45 -39.01 -31.00
N THR A 389 10.54 -38.06 -31.07
CA THR A 389 10.56 -36.86 -30.24
C THR A 389 9.12 -36.52 -29.91
N SER A 390 8.89 -35.29 -29.48
CA SER A 390 7.54 -34.78 -29.29
C SER A 390 7.61 -33.28 -29.51
N VAL A 391 6.47 -32.63 -29.70
CA VAL A 391 6.46 -31.19 -29.95
C VAL A 391 7.23 -30.40 -28.89
N TYR A 392 6.96 -30.66 -27.62
CA TYR A 392 7.53 -29.81 -26.56
C TYR A 392 9.02 -30.07 -26.39
N ARG A 393 9.46 -31.28 -26.70
CA ARG A 393 10.88 -31.59 -26.62
C ARG A 393 11.66 -30.70 -27.57
N LEU A 394 11.07 -30.37 -28.72
CA LEU A 394 11.69 -29.47 -29.67
C LEU A 394 11.77 -28.04 -29.11
N LEU A 395 10.92 -27.72 -28.13
CA LEU A 395 10.90 -26.38 -27.55
C LEU A 395 11.83 -26.21 -26.34
N GLU A 396 12.49 -27.28 -25.91
CA GLU A 396 13.28 -27.19 -24.66
C GLU A 396 14.53 -26.31 -24.79
N ALA A 397 15.05 -26.18 -26.01
CA ALA A 397 16.21 -25.33 -26.25
C ALA A 397 15.84 -23.84 -26.23
N GLY A 398 14.53 -23.55 -26.28
CA GLY A 398 14.07 -22.19 -26.09
C GLY A 398 14.23 -21.32 -27.33
N ARG A 399 14.34 -21.97 -28.49
CA ARG A 399 14.41 -21.30 -29.78
C ARG A 399 13.10 -21.45 -30.54
N GLY A 400 12.87 -20.58 -31.51
CA GLY A 400 11.77 -20.76 -32.43
C GLY A 400 11.93 -22.09 -33.16
N VAL A 401 10.81 -22.67 -33.59
CA VAL A 401 10.84 -23.92 -34.32
C VAL A 401 9.90 -23.87 -35.54
N LEU A 402 10.44 -24.04 -36.73
CA LEU A 402 9.59 -24.28 -37.90
C LEU A 402 9.38 -25.78 -37.98
N LEU A 403 8.20 -26.23 -37.58
CA LEU A 403 7.88 -27.64 -37.57
C LEU A 403 7.11 -28.00 -38.85
N ASP A 404 7.77 -28.76 -39.71
CA ASP A 404 7.21 -29.18 -40.99
C ASP A 404 6.64 -30.59 -40.85
N LEU A 405 5.32 -30.71 -40.98
CA LEU A 405 4.64 -31.99 -40.78
C LEU A 405 4.15 -32.60 -42.09
N GLY A 406 4.85 -32.30 -43.18
CA GLY A 406 4.47 -32.83 -44.48
C GLY A 406 4.08 -31.76 -45.47
N ALA A 407 4.06 -30.50 -45.04
CA ALA A 407 3.88 -29.41 -46.00
C ALA A 407 5.08 -29.34 -46.93
N GLY A 408 6.22 -29.81 -46.43
CA GLY A 408 7.42 -29.91 -47.25
C GLY A 408 7.85 -28.59 -47.85
N LEU A 409 8.00 -27.58 -47.00
CA LEU A 409 8.59 -26.31 -47.39
C LEU A 409 10.07 -26.51 -47.63
N PRO A 410 10.70 -25.62 -48.43
CA PRO A 410 12.16 -25.59 -48.42
C PRO A 410 12.63 -25.26 -47.02
N ALA A 411 13.77 -25.82 -46.61
CA ALA A 411 14.27 -25.60 -45.27
C ALA A 411 14.34 -24.10 -44.96
N VAL A 412 13.70 -23.70 -43.87
CA VAL A 412 13.79 -22.33 -43.44
C VAL A 412 15.18 -22.07 -42.88
N ARG A 413 15.81 -20.99 -43.33
CA ARG A 413 17.11 -20.62 -42.78
C ARG A 413 16.98 -19.30 -42.05
N HIS A 414 16.99 -19.38 -40.73
CA HIS A 414 16.93 -18.21 -39.87
C HIS A 414 17.79 -18.50 -38.63
N PRO A 415 18.66 -17.55 -38.25
CA PRO A 415 19.59 -17.78 -37.14
C PRO A 415 18.91 -17.99 -35.78
N GLN A 416 17.64 -17.62 -35.64
CA GLN A 416 16.93 -17.80 -34.38
C GLN A 416 15.94 -18.94 -34.41
N VAL A 417 15.85 -19.63 -35.54
CA VAL A 417 14.81 -20.66 -35.75
C VAL A 417 15.38 -22.01 -36.15
N THR A 418 14.86 -23.07 -35.53
CA THR A 418 15.25 -24.42 -35.89
C THR A 418 14.24 -25.04 -36.83
N TYR A 419 14.70 -25.48 -38.01
CA TYR A 419 13.82 -26.17 -38.93
C TYR A 419 13.80 -27.67 -38.64
N VAL A 420 12.61 -28.22 -38.45
CA VAL A 420 12.45 -29.61 -38.06
C VAL A 420 11.41 -30.25 -38.96
N ARG A 421 11.80 -31.34 -39.63
CA ARG A 421 10.87 -32.05 -40.49
C ARG A 421 10.38 -33.33 -39.82
N ALA A 422 9.07 -33.47 -39.72
CA ALA A 422 8.48 -34.64 -39.07
C ALA A 422 7.47 -35.32 -39.97
N GLU A 423 7.24 -36.59 -39.71
CA GLU A 423 6.22 -37.32 -40.45
C GLU A 423 4.84 -36.77 -40.07
N PRO A 424 3.88 -36.85 -41.00
CA PRO A 424 2.50 -36.42 -40.76
C PRO A 424 1.89 -37.09 -39.52
N THR A 425 1.08 -36.33 -38.78
CA THR A 425 0.33 -36.90 -37.66
C THR A 425 -1.09 -36.34 -37.62
N ASN A 426 -2.04 -37.22 -37.32
CA ASN A 426 -3.45 -36.85 -37.24
C ASN A 426 -3.76 -36.02 -36.01
N ARG A 427 -2.80 -35.94 -35.10
CA ARG A 427 -3.00 -35.31 -33.81
C ARG A 427 -2.64 -33.83 -33.81
N LEU A 428 -2.26 -33.33 -34.98
CA LEU A 428 -2.03 -31.91 -35.20
C LEU A 428 -2.77 -31.53 -36.46
N ASP A 429 -3.57 -30.46 -36.38
CA ASP A 429 -4.38 -30.02 -37.52
C ASP A 429 -3.68 -29.00 -38.39
N ALA A 430 -2.43 -29.28 -38.75
CA ALA A 430 -1.69 -28.45 -39.69
C ALA A 430 -0.59 -29.29 -40.33
N THR A 431 -0.15 -28.88 -41.52
CA THR A 431 0.91 -29.60 -42.21
C THR A 431 2.26 -28.92 -41.94
N ALA A 432 2.23 -27.72 -41.36
CA ALA A 432 3.42 -27.03 -40.89
C ALA A 432 3.05 -25.86 -39.98
N VAL A 433 3.86 -25.61 -38.96
CA VAL A 433 3.66 -24.49 -38.03
C VAL A 433 4.99 -23.75 -37.72
N LEU A 434 4.91 -22.46 -37.48
CA LEU A 434 6.02 -21.74 -36.90
C LEU A 434 5.74 -21.46 -35.42
N LEU A 435 6.52 -22.08 -34.55
CA LEU A 435 6.41 -21.90 -33.11
C LEU A 435 7.40 -20.87 -32.58
N ARG A 436 6.88 -19.91 -31.84
CA ARG A 436 7.72 -18.98 -31.12
C ARG A 436 8.41 -19.72 -29.96
N PRO A 437 9.47 -19.14 -29.39
CA PRO A 437 10.12 -19.82 -28.26
C PRO A 437 9.20 -20.00 -27.02
N ASP A 438 8.15 -19.20 -26.91
CA ASP A 438 7.17 -19.41 -25.83
C ASP A 438 6.12 -20.48 -26.20
N GLY A 439 6.30 -21.14 -27.34
CA GLY A 439 5.40 -22.20 -27.79
C GLY A 439 4.22 -21.72 -28.63
N VAL A 440 4.06 -20.40 -28.74
CA VAL A 440 2.90 -19.83 -29.43
C VAL A 440 3.01 -19.91 -30.95
N VAL A 441 1.92 -20.30 -31.60
CA VAL A 441 1.89 -20.43 -33.05
C VAL A 441 1.88 -19.05 -33.70
N ALA A 442 2.90 -18.77 -34.51
CA ALA A 442 2.98 -17.49 -35.18
C ALA A 442 2.44 -17.60 -36.61
N TRP A 443 2.41 -18.83 -37.13
CA TRP A 443 2.00 -19.10 -38.50
C TRP A 443 1.70 -20.58 -38.64
N ARG A 444 0.73 -20.92 -39.49
CA ARG A 444 0.46 -22.30 -39.79
C ARG A 444 -0.05 -22.44 -41.23
N ALA A 445 0.42 -23.47 -41.92
CA ALA A 445 -0.11 -23.80 -43.22
C ALA A 445 -1.61 -24.04 -43.08
N PRO A 446 -2.41 -23.59 -44.06
CA PRO A 446 -1.97 -22.99 -45.32
C PRO A 446 -2.05 -21.45 -45.36
N GLN A 447 -1.83 -20.78 -44.22
CA GLN A 447 -1.86 -19.32 -44.18
C GLN A 447 -0.79 -18.70 -45.07
N ASP A 448 -1.08 -17.51 -45.61
CA ASP A 448 -0.04 -16.67 -46.19
C ASP A 448 0.81 -16.09 -45.08
N GLY A 449 1.90 -15.43 -45.44
CA GLY A 449 2.65 -14.60 -44.51
C GLY A 449 3.72 -15.26 -43.64
N LEU A 450 4.32 -16.35 -44.11
CA LEU A 450 5.37 -17.01 -43.34
C LEU A 450 6.58 -16.08 -43.14
N GLU A 451 6.99 -15.40 -44.22
CA GLU A 451 8.12 -14.49 -44.12
C GLU A 451 7.85 -13.37 -43.14
N ALA A 452 6.68 -12.75 -43.25
CA ALA A 452 6.29 -11.68 -42.34
C ALA A 452 6.29 -12.13 -40.89
N ALA A 453 5.80 -13.33 -40.63
CA ALA A 453 5.81 -13.88 -39.28
C ALA A 453 7.25 -14.05 -38.77
N LEU A 454 8.09 -14.62 -39.62
CA LEU A 454 9.49 -14.79 -39.30
C LEU A 454 10.11 -13.46 -38.90
N GLU A 455 9.91 -12.42 -39.72
CA GLU A 455 10.52 -11.12 -39.45
C GLU A 455 9.93 -10.46 -38.21
N THR A 456 8.62 -10.59 -38.04
CA THR A 456 7.93 -10.00 -36.91
C THR A 456 8.45 -10.52 -35.58
N TRP A 457 8.63 -11.84 -35.48
CA TRP A 457 8.99 -12.38 -34.17
C TRP A 457 10.48 -12.63 -33.98
N PHE A 458 11.23 -12.79 -35.06
CA PHE A 458 12.63 -13.19 -34.96
C PHE A 458 13.59 -12.23 -35.68
N GLY A 459 13.08 -11.19 -36.27
CA GLY A 459 13.87 -10.26 -37.03
C GLY A 459 14.34 -10.72 -38.40
N PRO A 460 15.14 -9.81 -39.10
CA PRO A 460 15.48 -10.24 -40.47
C PRO A 460 16.39 -11.44 -40.53
N ALA A 461 16.19 -12.23 -41.55
CA ALA A 461 16.94 -13.44 -41.74
C ALA A 461 18.37 -13.14 -41.94
N SER B 1 27.98 9.40 18.80
CA SER B 1 27.32 10.47 18.07
C SER B 1 26.21 11.13 18.88
N ASP B 2 26.12 12.43 18.77
CA ASP B 2 25.07 13.21 19.39
C ASP B 2 24.06 13.77 18.40
N THR B 3 24.04 13.27 17.18
CA THR B 3 23.20 13.85 16.14
C THR B 3 21.82 13.17 15.99
N VAL B 4 20.80 13.98 15.79
CA VAL B 4 19.49 13.52 15.45
C VAL B 4 19.20 13.70 13.95
N ILE B 5 18.87 12.61 13.30
CA ILE B 5 18.46 12.64 11.90
C ILE B 5 16.94 12.67 11.83
N ILE B 6 16.40 13.64 11.08
CA ILE B 6 14.98 13.73 10.83
C ILE B 6 14.74 13.31 9.38
N ALA B 7 13.99 12.23 9.22
CA ALA B 7 13.62 11.76 7.89
C ALA B 7 12.36 12.48 7.45
N GLY B 8 12.49 13.41 6.51
CA GLY B 8 11.33 14.15 6.04
C GLY B 8 11.23 15.58 6.56
N GLY B 9 11.11 16.51 5.63
CA GLY B 9 11.04 17.91 5.97
C GLY B 9 9.70 18.53 5.64
N GLY B 10 8.63 17.80 5.96
CA GLY B 10 7.31 18.38 5.92
C GLY B 10 7.11 19.21 7.19
N PRO B 11 5.88 19.67 7.44
CA PRO B 11 5.56 20.52 8.60
C PRO B 11 5.95 19.87 9.93
N VAL B 12 5.71 18.56 10.06
CA VAL B 12 6.03 17.89 11.32
C VAL B 12 7.53 17.74 11.53
N GLY B 13 8.23 17.26 10.50
CA GLY B 13 9.68 17.24 10.51
C GLY B 13 10.32 18.60 10.79
N LEU B 14 9.82 19.63 10.13
CA LEU B 14 10.41 20.96 10.31
C LEU B 14 10.12 21.50 11.73
N MET B 15 8.93 21.25 12.25
CA MET B 15 8.59 21.64 13.61
C MET B 15 9.52 20.95 14.61
N LEU B 16 9.70 19.65 14.42
CA LEU B 16 10.63 18.90 15.27
C LEU B 16 12.04 19.47 15.21
N ALA B 17 12.48 19.81 14.01
CA ALA B 17 13.80 20.39 13.82
C ALA B 17 13.90 21.73 14.57
N CYS B 18 12.85 22.52 14.53
CA CYS B 18 12.82 23.76 15.31
C CYS B 18 12.93 23.48 16.82
N GLU B 19 12.24 22.46 17.30
CA GLU B 19 12.28 22.12 18.73
C GLU B 19 13.69 21.71 19.16
N LEU B 20 14.29 20.83 18.36
CA LEU B 20 15.63 20.34 18.64
C LEU B 20 16.68 21.43 18.48
N GLY B 21 16.51 22.31 17.49
CA GLY B 21 17.41 23.41 17.30
C GLY B 21 17.35 24.40 18.45
N LEU B 22 16.13 24.66 18.93
CA LEU B 22 15.95 25.53 20.09
C LEU B 22 16.69 24.91 21.26
N ALA B 23 16.59 23.59 21.41
CA ALA B 23 17.26 22.94 22.52
C ALA B 23 18.77 22.81 22.34
N GLY B 24 19.28 23.14 21.16
CA GLY B 24 20.71 23.11 20.90
C GLY B 24 21.28 21.75 20.54
N VAL B 25 20.44 20.89 20.00
CA VAL B 25 20.84 19.56 19.55
C VAL B 25 21.29 19.57 18.09
N ASP B 26 22.41 18.93 17.79
CA ASP B 26 22.87 18.83 16.41
C ASP B 26 21.86 18.00 15.63
N THR B 27 21.33 18.59 14.57
CA THR B 27 20.16 18.03 13.90
C THR B 27 20.29 18.13 12.37
N VAL B 28 19.91 17.08 11.66
CA VAL B 28 19.88 17.12 10.18
C VAL B 28 18.53 16.71 9.66
N VAL B 29 17.93 17.47 8.76
CA VAL B 29 16.73 16.97 8.12
C VAL B 29 17.05 16.61 6.67
N LEU B 30 16.57 15.43 6.27
CA LEU B 30 16.73 14.96 4.90
C LEU B 30 15.35 14.99 4.26
N GLU B 31 15.21 15.83 3.25
CA GLU B 31 13.94 16.01 2.57
C GLU B 31 14.14 15.79 1.08
N ARG B 32 13.25 14.99 0.51
CA ARG B 32 13.29 14.64 -0.90
C ARG B 32 13.11 15.83 -1.87
N HIS B 33 12.21 16.76 -1.55
CA HIS B 33 11.88 17.81 -2.52
C HIS B 33 12.78 19.04 -2.37
N ASP B 34 12.90 19.83 -3.45
CA ASP B 34 13.78 21.00 -3.43
C ASP B 34 13.10 22.22 -2.81
N ALA B 35 11.83 22.07 -2.47
CA ALA B 35 11.02 23.16 -1.92
C ALA B 35 9.72 22.59 -1.38
N PRO B 36 9.00 23.34 -0.53
CA PRO B 36 7.67 22.86 -0.15
C PRO B 36 6.82 22.68 -1.39
N ARG B 37 6.01 21.63 -1.41
CA ARG B 37 5.25 21.34 -2.61
C ARG B 37 4.09 22.29 -2.76
N GLU B 38 3.85 22.73 -3.99
CA GLU B 38 2.65 23.47 -4.30
C GLU B 38 1.90 22.75 -5.40
N PRO B 39 0.57 22.83 -5.38
CA PRO B 39 -0.22 23.56 -4.37
C PRO B 39 -0.22 22.91 -2.99
N SER B 40 -0.54 23.72 -1.98
CA SER B 40 -0.69 23.22 -0.62
C SER B 40 -1.91 22.33 -0.49
N ARG B 41 -1.71 21.24 0.23
CA ARG B 41 -2.78 20.33 0.61
C ARG B 41 -3.73 21.03 1.58
N GLY B 42 -3.15 21.68 2.59
CA GLY B 42 -3.91 22.36 3.62
C GLY B 42 -3.91 23.86 3.52
N GLY B 43 -5.00 24.49 3.96
CA GLY B 43 -5.13 25.93 3.95
C GLY B 43 -5.45 26.57 5.30
N ALA B 44 -5.36 25.80 6.37
CA ALA B 44 -5.67 26.29 7.71
C ALA B 44 -4.97 25.47 8.80
N ILE B 45 -4.74 26.10 9.95
CA ILE B 45 -4.17 25.43 11.11
C ILE B 45 -5.11 25.70 12.28
N ASN B 46 -5.29 24.73 13.17
CA ASN B 46 -6.29 24.85 14.23
C ASN B 46 -5.69 25.36 15.54
N ALA B 47 -6.49 25.38 16.60
CA ALA B 47 -6.06 26.03 17.85
C ALA B 47 -4.82 25.38 18.43
N THR B 48 -4.71 24.06 18.31
CA THR B 48 -3.54 23.34 18.79
C THR B 48 -2.26 23.91 18.15
N VAL B 49 -2.29 24.04 16.84
CA VAL B 49 -1.12 24.48 16.09
C VAL B 49 -0.80 25.93 16.40
N VAL B 50 -1.83 26.78 16.41
CA VAL B 50 -1.67 28.19 16.72
C VAL B 50 -0.98 28.35 18.08
N GLU B 51 -1.45 27.62 19.08
CA GLU B 51 -0.87 27.72 20.43
C GLU B 51 0.57 27.21 20.48
N LEU B 52 0.82 26.05 19.88
CA LEU B 52 2.16 25.49 19.89
C LEU B 52 3.15 26.38 19.13
N PHE B 53 2.70 27.05 18.07
CA PHE B 53 3.51 28.03 17.35
C PHE B 53 3.77 29.26 18.24
N THR B 54 2.72 29.74 18.89
CA THR B 54 2.80 30.94 19.70
C THR B 54 3.82 30.76 20.84
N GLN B 55 3.83 29.59 21.45
CA GLN B 55 4.74 29.38 22.59
C GLN B 55 6.21 29.25 22.17
N ARG B 56 6.48 29.51 20.90
CA ARG B 56 7.84 29.53 20.35
C ARG B 56 8.03 30.82 19.56
N GLY B 57 7.05 31.71 19.62
CA GLY B 57 7.07 32.94 18.84
C GLY B 57 7.00 32.73 17.34
N ILE B 58 6.33 31.67 16.90
CA ILE B 58 6.32 31.37 15.46
C ILE B 58 5.13 32.03 14.77
N MET B 59 4.03 32.25 15.50
CA MET B 59 2.85 32.90 14.91
C MET B 59 3.13 34.32 14.43
N GLU B 60 4.03 35.04 15.10
CA GLU B 60 4.32 36.40 14.68
C GLU B 60 4.92 36.39 13.27
N SER B 61 5.78 35.43 12.98
CA SER B 61 6.37 35.33 11.64
C SER B 61 5.35 34.93 10.57
N LEU B 62 4.19 34.46 10.98
CA LEU B 62 3.12 34.10 10.07
C LEU B 62 2.04 35.17 9.97
N ARG B 63 2.21 36.24 10.75
CA ARG B 63 1.21 37.30 10.90
C ARG B 63 0.66 37.82 9.58
N ASP B 64 1.55 38.06 8.63
CA ASP B 64 1.17 38.63 7.35
C ASP B 64 1.00 37.58 6.25
N ASP B 65 1.02 36.31 6.63
CA ASP B 65 0.89 35.23 5.66
C ASP B 65 -0.52 34.69 5.57
N GLY B 66 -1.39 35.16 6.45
CA GLY B 66 -2.76 34.67 6.46
C GLY B 66 -3.58 35.39 7.48
N PHE B 67 -4.74 34.85 7.83
CA PHE B 67 -5.60 35.56 8.77
C PHE B 67 -6.31 34.66 9.78
N GLU B 68 -6.47 35.18 10.99
CA GLU B 68 -7.23 34.51 12.02
C GLU B 68 -8.69 34.31 11.60
N PHE B 69 -9.24 33.13 11.83
CA PHE B 69 -10.68 32.96 11.69
C PHE B 69 -11.23 32.10 12.83
N ARG B 70 -12.50 32.31 13.14
CA ARG B 70 -13.09 31.78 14.34
C ARG B 70 -14.27 30.89 14.04
N MET B 71 -14.07 29.99 13.09
CA MET B 71 -15.08 29.02 12.69
C MET B 71 -14.57 27.62 12.95
N ALA B 72 -15.50 26.70 13.10
CA ALA B 72 -15.18 25.31 13.38
C ALA B 72 -16.43 24.49 13.13
N HIS B 73 -16.24 23.19 12.94
CA HIS B 73 -17.35 22.29 12.67
C HIS B 73 -17.06 20.89 13.16
N PHE B 74 -18.10 20.07 13.26
CA PHE B 74 -17.97 18.65 13.52
C PHE B 74 -18.67 17.92 12.36
N ALA B 75 -17.88 17.29 11.50
CA ALA B 75 -18.41 16.69 10.27
C ALA B 75 -19.31 17.65 9.51
N HIS B 76 -18.88 18.92 9.47
CA HIS B 76 -19.55 20.01 8.74
C HIS B 76 -20.88 20.45 9.35
N ILE B 77 -21.10 20.06 10.60
CA ILE B 77 -22.07 20.71 11.46
C ILE B 77 -21.42 21.96 12.07
N PRO B 78 -21.95 23.16 11.75
CA PRO B 78 -21.31 24.40 12.23
C PRO B 78 -21.29 24.50 13.75
N LEU B 79 -20.15 24.90 14.30
CA LEU B 79 -20.02 25.14 15.71
C LEU B 79 -19.81 26.63 15.96
N ALA B 80 -19.80 27.03 17.23
CA ALA B 80 -19.64 28.44 17.57
C ALA B 80 -18.52 28.63 18.60
N PRO B 81 -17.26 28.66 18.12
CA PRO B 81 -16.08 28.72 18.98
C PRO B 81 -16.01 29.95 19.89
N GLU B 82 -16.59 31.07 19.45
CA GLU B 82 -16.53 32.30 20.25
C GLU B 82 -17.48 32.30 21.43
N ARG B 83 -18.30 31.26 21.55
CA ARG B 83 -19.18 31.15 22.70
C ARG B 83 -18.49 30.41 23.82
N VAL B 84 -17.36 29.80 23.51
CA VAL B 84 -16.66 28.95 24.47
C VAL B 84 -15.82 29.78 25.44
N PRO B 85 -16.12 29.67 26.74
CA PRO B 85 -15.38 30.49 27.70
C PRO B 85 -13.90 30.17 27.71
N GLY B 86 -13.12 31.16 28.13
CA GLY B 86 -11.70 30.97 28.31
C GLY B 86 -10.93 31.76 27.29
N ASP B 87 -9.68 31.39 27.12
CA ASP B 87 -8.80 32.13 26.25
C ASP B 87 -8.03 31.22 25.30
N ARG B 88 -8.61 30.07 24.95
CA ARG B 88 -7.90 29.22 24.00
C ARG B 88 -7.93 29.89 22.62
N ALA B 89 -6.89 29.66 21.84
CA ALA B 89 -6.78 30.20 20.48
C ALA B 89 -7.92 29.74 19.56
N PHE B 90 -8.07 30.45 18.45
CA PHE B 90 -8.97 30.06 17.38
C PHE B 90 -8.12 29.57 16.21
N SER B 91 -8.64 29.58 15.00
CA SER B 91 -7.89 29.01 13.89
C SER B 91 -7.22 30.09 13.03
N PHE B 92 -6.39 29.65 12.09
CA PHE B 92 -5.65 30.58 11.25
C PHE B 92 -5.58 30.06 9.81
N ALA B 93 -6.06 30.88 8.88
CA ALA B 93 -6.04 30.57 7.47
C ALA B 93 -4.68 30.92 6.85
N VAL B 94 -3.94 29.90 6.42
CA VAL B 94 -2.64 30.08 5.78
C VAL B 94 -2.32 28.82 4.98
N PRO B 95 -1.77 28.95 3.76
CA PRO B 95 -1.37 27.72 3.06
C PRO B 95 -0.25 26.99 3.81
N HIS B 96 -0.32 25.66 3.87
CA HIS B 96 0.69 24.89 4.59
C HIS B 96 2.09 25.04 4.02
N ALA B 97 2.20 25.39 2.73
CA ALA B 97 3.51 25.59 2.12
C ALA B 97 4.22 26.75 2.79
N GLN B 98 3.46 27.77 3.15
CA GLN B 98 4.00 28.96 3.79
C GLN B 98 4.41 28.66 5.25
N VAL B 99 3.59 27.85 5.92
CA VAL B 99 3.92 27.33 7.25
C VAL B 99 5.25 26.61 7.18
N GLU B 100 5.40 25.77 6.15
CA GLU B 100 6.63 25.02 5.96
C GLU B 100 7.83 25.93 5.72
N ARG B 101 7.65 26.97 4.93
CA ARG B 101 8.72 27.92 4.68
C ARG B 101 9.16 28.63 5.95
N ARG B 102 8.20 29.07 6.74
CA ARG B 102 8.52 29.73 8.01
C ARG B 102 9.24 28.78 8.96
N LEU B 103 8.76 27.55 9.02
CA LEU B 103 9.35 26.56 9.92
C LEU B 103 10.77 26.26 9.50
N GLU B 104 10.99 26.09 8.19
CA GLU B 104 12.33 25.80 7.66
C GLU B 104 13.28 26.97 7.93
N GLU B 105 12.81 28.20 7.71
CA GLU B 105 13.66 29.36 7.96
C GLU B 105 14.02 29.40 9.46
N ARG B 106 13.04 29.14 10.33
CA ARG B 106 13.33 29.11 11.77
C ARG B 106 14.36 28.03 12.12
N ALA B 107 14.15 26.83 11.58
CA ALA B 107 15.04 25.72 11.87
C ALA B 107 16.47 26.05 11.45
N ARG B 108 16.62 26.60 10.25
CA ARG B 108 17.96 26.95 9.77
C ARG B 108 18.57 28.03 10.65
N SER B 109 17.77 29.03 11.01
CA SER B 109 18.25 30.11 11.87
C SER B 109 18.69 29.58 13.24
N LEU B 110 18.20 28.41 13.63
CA LEU B 110 18.65 27.80 14.90
C LEU B 110 19.84 26.84 14.77
N GLY B 111 20.43 26.76 13.59
CA GLY B 111 21.59 25.89 13.41
C GLY B 111 21.32 24.49 12.87
N VAL B 112 20.07 24.20 12.55
CA VAL B 112 19.75 22.88 12.02
C VAL B 112 20.25 22.76 10.59
N ARG B 113 20.82 21.60 10.25
CA ARG B 113 21.24 21.35 8.88
C ARG B 113 20.09 20.81 8.05
N VAL B 114 19.65 21.58 7.07
CA VAL B 114 18.57 21.12 6.23
C VAL B 114 19.12 20.71 4.86
N ARG B 115 18.93 19.44 4.52
CA ARG B 115 19.38 18.92 3.25
C ARG B 115 18.20 18.55 2.37
N ARG B 116 17.80 19.49 1.52
CA ARG B 116 16.73 19.25 0.56
C ARG B 116 17.29 18.47 -0.65
N SER B 117 16.40 18.04 -1.55
CA SER B 117 16.76 17.19 -2.67
C SER B 117 17.60 15.99 -2.24
N THR B 118 17.24 15.39 -1.11
CA THR B 118 18.00 14.29 -0.57
C THR B 118 17.07 13.15 -0.20
N GLU B 119 17.12 12.08 -0.98
CA GLU B 119 16.22 10.97 -0.77
C GLU B 119 16.79 9.87 0.08
N ILE B 120 16.04 9.48 1.10
CA ILE B 120 16.40 8.33 1.90
C ILE B 120 15.94 7.06 1.19
N THR B 121 16.88 6.15 0.98
CA THR B 121 16.56 4.89 0.30
C THR B 121 16.70 3.74 1.27
N SER B 122 17.40 3.96 2.37
CA SER B 122 17.66 2.85 3.26
C SER B 122 17.79 3.30 4.71
N VAL B 123 17.34 2.48 5.65
CA VAL B 123 17.34 2.85 7.07
C VAL B 123 17.71 1.68 7.98
N ARG B 124 18.74 1.89 8.81
CA ARG B 124 19.27 0.85 9.67
C ARG B 124 19.60 1.41 11.05
N GLN B 125 19.64 0.54 12.04
CA GLN B 125 20.13 0.93 13.36
C GLN B 125 20.94 -0.18 13.99
N THR B 126 21.95 0.23 14.73
CA THR B 126 22.84 -0.63 15.52
C THR B 126 22.77 -0.16 16.96
N PRO B 127 23.26 -0.98 17.91
CA PRO B 127 23.30 -0.53 19.31
C PRO B 127 24.07 0.78 19.52
N ASP B 128 24.93 1.16 18.59
CA ASP B 128 25.69 2.39 18.74
C ASP B 128 25.14 3.56 17.94
N GLY B 129 24.04 3.34 17.23
CA GLY B 129 23.52 4.44 16.45
C GLY B 129 22.63 4.11 15.27
N VAL B 130 22.47 5.10 14.41
CA VAL B 130 21.48 5.05 13.35
C VAL B 130 22.17 5.40 12.03
N GLN B 131 21.79 4.72 10.96
CA GLN B 131 22.43 4.89 9.67
C GLN B 131 21.41 4.96 8.56
N VAL B 132 21.50 5.98 7.72
CA VAL B 132 20.56 6.11 6.61
C VAL B 132 21.35 6.20 5.30
N THR B 133 20.91 5.49 4.27
CA THR B 133 21.52 5.65 2.96
C THR B 133 20.62 6.52 2.10
N THR B 134 21.26 7.45 1.39
CA THR B 134 20.59 8.35 0.48
C THR B 134 20.74 7.89 -0.96
N GLY B 135 19.93 8.48 -1.84
CA GLY B 135 19.90 8.07 -3.24
C GLY B 135 21.15 8.41 -4.02
N ASP B 136 22.07 9.12 -3.38
CA ASP B 136 23.37 9.44 -3.99
C ASP B 136 24.45 8.53 -3.42
N GLY B 137 24.04 7.57 -2.59
CA GLY B 137 24.97 6.61 -2.05
C GLY B 137 25.64 7.01 -0.75
N GLU B 138 25.33 8.22 -0.28
CA GLU B 138 25.89 8.71 0.97
C GLU B 138 25.26 8.03 2.19
N VAL B 139 26.07 7.73 3.19
CA VAL B 139 25.55 7.24 4.45
C VAL B 139 25.57 8.38 5.47
N VAL B 140 24.42 8.67 6.08
CA VAL B 140 24.36 9.65 7.15
C VAL B 140 24.14 8.96 8.49
N GLU B 141 24.95 9.29 9.49
CA GLU B 141 24.90 8.58 10.77
C GLU B 141 24.49 9.48 11.92
N GLY B 142 23.80 8.91 12.92
CA GLY B 142 23.34 9.69 14.05
C GLY B 142 23.08 8.87 15.30
N ALA B 143 22.61 9.52 16.36
CA ALA B 143 22.26 8.81 17.57
C ALA B 143 20.81 8.32 17.50
N TYR B 144 19.95 9.13 16.89
CA TYR B 144 18.53 8.81 16.75
C TYR B 144 18.01 9.21 15.37
N LEU B 145 16.99 8.49 14.93
CA LEU B 145 16.31 8.79 13.67
C LEU B 145 14.83 8.94 13.93
N VAL B 146 14.24 10.01 13.42
CA VAL B 146 12.81 10.20 13.56
C VAL B 146 12.13 10.21 12.19
N GLY B 147 11.25 9.25 11.96
CA GLY B 147 10.50 9.22 10.73
C GLY B 147 9.37 10.25 10.76
N CYS B 148 9.61 11.39 10.11
CA CYS B 148 8.53 12.33 9.80
C CYS B 148 8.31 12.29 8.30
N ASP B 149 8.32 11.10 7.72
CA ASP B 149 8.32 11.00 6.26
C ASP B 149 6.95 10.64 5.69
N GLY B 150 5.92 11.07 6.37
CA GLY B 150 4.55 11.02 5.88
C GLY B 150 3.86 9.66 5.93
N SER B 151 2.71 9.60 5.30
CA SER B 151 1.81 8.47 5.39
C SER B 151 2.44 7.16 4.95
N ALA B 152 3.26 7.22 3.92
CA ALA B 152 3.83 6.04 3.35
C ALA B 152 5.21 5.69 3.89
N SER B 153 5.53 6.09 5.09
CA SER B 153 6.84 6.17 5.63
C SER B 153 7.69 4.95 5.39
N LEU B 154 8.79 5.21 4.75
CA LEU B 154 9.86 4.27 4.57
C LEU B 154 10.45 3.90 5.93
N VAL B 155 10.56 4.89 6.82
CA VAL B 155 11.15 4.61 8.13
C VAL B 155 10.29 3.64 8.97
N ARG B 156 8.98 3.88 9.01
CA ARG B 156 8.05 2.98 9.67
C ARG B 156 8.13 1.54 9.16
N GLU B 157 8.12 1.40 7.84
CA GLU B 157 8.20 0.10 7.20
C GLU B 157 9.52 -0.61 7.46
N GLN B 158 10.64 0.10 7.30
CA GLN B 158 11.92 -0.53 7.52
C GLN B 158 12.16 -0.87 9.00
N ALA B 159 11.44 -0.21 9.90
CA ALA B 159 11.58 -0.48 11.33
C ALA B 159 10.70 -1.67 11.74
N GLY B 160 9.88 -2.14 10.81
CA GLY B 160 9.01 -3.28 11.06
C GLY B 160 7.82 -2.94 11.94
N ILE B 161 7.42 -1.68 11.94
CA ILE B 161 6.31 -1.23 12.76
C ILE B 161 4.98 -1.31 12.01
N PRO B 162 4.03 -2.12 12.51
CA PRO B 162 2.72 -2.23 11.83
C PRO B 162 1.93 -0.92 11.84
N PHE B 163 1.07 -0.75 10.84
CA PHE B 163 0.26 0.47 10.65
C PHE B 163 -1.24 0.13 10.57
N PRO B 164 -1.83 -0.40 11.67
CA PRO B 164 -3.22 -0.88 11.56
C PRO B 164 -4.28 0.24 11.48
N GLY B 165 -5.46 -0.10 10.95
CA GLY B 165 -6.56 0.85 10.80
C GLY B 165 -7.39 0.44 9.59
N VAL B 166 -8.05 1.39 8.94
CA VAL B 166 -8.87 1.02 7.78
C VAL B 166 -8.61 1.89 6.57
N ASP B 167 -8.86 1.33 5.39
CA ASP B 167 -8.90 2.07 4.13
C ASP B 167 -10.32 1.95 3.53
N PRO B 168 -11.24 2.80 3.98
CA PRO B 168 -12.63 2.71 3.53
C PRO B 168 -12.80 2.93 2.03
N ASP B 169 -13.85 2.38 1.43
CA ASP B 169 -14.21 2.78 0.08
C ASP B 169 -14.51 4.28 0.11
N PHE B 170 -13.86 5.04 -0.75
CA PHE B 170 -13.97 6.49 -0.72
C PHE B 170 -13.47 7.07 -2.02
N HIS B 171 -14.27 7.95 -2.60
CA HIS B 171 -13.94 8.62 -3.83
C HIS B 171 -13.66 10.10 -3.50
N GLY B 172 -12.38 10.45 -3.43
CA GLY B 172 -11.96 11.78 -3.05
C GLY B 172 -11.13 12.48 -4.10
N LEU B 173 -11.52 13.71 -4.43
CA LEU B 173 -10.87 14.50 -5.48
C LEU B 173 -10.57 15.91 -4.99
N TRP B 174 -9.47 16.51 -5.45
CA TRP B 174 -9.30 17.94 -5.23
C TRP B 174 -8.45 18.59 -6.31
N GLY B 175 -8.58 19.90 -6.44
CA GLY B 175 -7.79 20.64 -7.39
C GLY B 175 -8.03 22.13 -7.32
N ASP B 176 -7.12 22.89 -7.91
CA ASP B 176 -7.28 24.34 -8.01
C ASP B 176 -7.78 24.66 -9.41
N ILE B 177 -8.86 25.41 -9.49
CA ILE B 177 -9.41 25.79 -10.79
C ILE B 177 -9.46 27.30 -10.94
N LYS B 178 -8.97 27.79 -12.08
CA LYS B 178 -9.19 29.17 -12.47
C LYS B 178 -10.54 29.26 -13.14
N VAL B 179 -11.43 30.08 -12.56
CA VAL B 179 -12.80 30.19 -13.02
C VAL B 179 -13.12 31.63 -13.43
N GLU B 180 -14.12 31.79 -14.28
CA GLU B 180 -14.56 33.14 -14.68
C GLU B 180 -15.51 33.70 -13.64
N PRO B 181 -15.62 35.03 -13.56
CA PRO B 181 -16.65 35.60 -12.68
C PRO B 181 -18.03 35.07 -13.06
N GLY B 182 -18.91 34.89 -12.08
CA GLY B 182 -20.21 34.31 -12.32
C GLY B 182 -20.20 32.80 -12.38
N ALA B 183 -19.05 32.17 -12.13
CA ALA B 183 -18.96 30.72 -12.15
C ALA B 183 -19.88 30.10 -11.11
N PRO B 184 -20.75 29.19 -11.53
CA PRO B 184 -21.72 28.48 -10.67
C PRO B 184 -21.10 27.87 -9.39
N VAL B 185 -19.85 27.42 -9.46
CA VAL B 185 -19.25 26.81 -8.28
C VAL B 185 -19.06 27.85 -7.15
N LEU B 186 -19.02 29.13 -7.51
CA LEU B 186 -18.94 30.20 -6.52
C LEU B 186 -20.23 30.28 -5.67
N GLU B 187 -21.30 29.65 -6.12
CA GLU B 187 -22.51 29.55 -5.32
C GLU B 187 -22.43 28.47 -4.24
N ARG B 188 -21.28 27.82 -4.12
CA ARG B 188 -21.14 26.73 -3.17
C ARG B 188 -19.93 26.91 -2.28
N ILE B 189 -19.56 28.17 -2.03
CA ILE B 189 -18.40 28.47 -1.22
C ILE B 189 -18.62 27.98 0.21
N GLY B 190 -17.62 27.33 0.77
CA GLY B 190 -17.71 26.76 2.11
C GLY B 190 -17.51 25.26 2.05
N ALA B 191 -17.50 24.59 3.20
CA ALA B 191 -17.43 23.15 3.24
C ALA B 191 -18.77 22.59 3.72
N ARG B 192 -19.42 21.79 2.88
CA ARG B 192 -20.75 21.33 3.25
C ARG B 192 -20.96 19.85 2.97
N GLN B 193 -21.83 19.26 3.79
CA GLN B 193 -22.31 17.90 3.60
C GLN B 193 -23.60 17.93 2.78
N TYR B 194 -23.55 17.39 1.57
CA TYR B 194 -24.72 17.34 0.71
C TYR B 194 -25.35 15.95 0.79
N GLU B 195 -26.42 15.73 0.04
CA GLU B 195 -27.12 14.46 0.02
C GLU B 195 -26.18 13.24 -0.13
N LEU B 196 -25.22 13.31 -1.04
CA LEU B 196 -24.41 12.14 -1.40
C LEU B 196 -23.00 12.17 -0.81
N GLY B 197 -22.51 13.36 -0.51
CA GLY B 197 -21.19 13.48 0.06
C GLY B 197 -20.79 14.91 0.37
N LEU B 198 -19.49 15.12 0.60
CA LEU B 198 -19.00 16.44 0.95
C LEU B 198 -18.46 17.16 -0.27
N CYS B 199 -18.63 18.49 -0.25
CA CYS B 199 -17.95 19.35 -1.20
C CYS B 199 -17.50 20.63 -0.51
N MET B 200 -16.23 20.94 -0.66
CA MET B 200 -15.67 22.18 -0.20
C MET B 200 -15.23 23.02 -1.37
N VAL B 201 -15.65 24.28 -1.38
CA VAL B 201 -15.18 25.23 -2.38
C VAL B 201 -14.61 26.45 -1.65
N ALA B 202 -13.35 26.79 -1.92
CA ALA B 202 -12.76 27.96 -1.28
C ALA B 202 -11.92 28.80 -2.24
N PRO B 203 -12.17 30.12 -2.28
CA PRO B 203 -11.35 31.03 -3.08
C PRO B 203 -9.93 31.05 -2.55
N ILE B 204 -8.95 30.73 -3.40
CA ILE B 204 -7.56 30.76 -2.98
C ILE B 204 -6.78 31.77 -3.79
N GLY B 205 -7.49 32.43 -4.72
CA GLY B 205 -6.83 33.45 -5.50
C GLY B 205 -7.87 34.33 -6.15
N PRO B 206 -7.42 35.48 -6.67
CA PRO B 206 -8.34 36.47 -7.25
C PRO B 206 -9.26 35.84 -8.30
N ASP B 207 -8.75 34.88 -9.06
CA ASP B 207 -9.58 34.19 -10.05
C ASP B 207 -9.63 32.69 -9.83
N THR B 208 -9.27 32.25 -8.63
CA THR B 208 -9.01 30.82 -8.41
C THR B 208 -9.70 30.28 -7.15
N VAL B 209 -10.26 29.07 -7.30
CA VAL B 209 -10.90 28.32 -6.21
C VAL B 209 -10.29 26.94 -6.01
N ARG B 210 -10.19 26.54 -4.76
CA ARG B 210 -9.89 25.15 -4.42
C ARG B 210 -11.22 24.41 -4.37
N VAL B 211 -11.28 23.28 -5.06
CA VAL B 211 -12.47 22.43 -4.99
C VAL B 211 -12.08 21.06 -4.46
N ILE B 212 -12.84 20.56 -3.49
CA ILE B 212 -12.64 19.25 -2.89
C ILE B 212 -13.96 18.48 -2.84
N THR B 213 -13.96 17.23 -3.31
CA THR B 213 -15.14 16.39 -3.18
C THR B 213 -14.78 15.09 -2.47
N GLY B 214 -15.73 14.52 -1.74
CA GLY B 214 -15.52 13.24 -1.10
C GLY B 214 -16.81 12.48 -0.93
N GLU B 215 -16.86 11.26 -1.44
CA GLU B 215 -18.03 10.42 -1.31
C GLU B 215 -17.65 9.07 -0.72
N PHE B 216 -18.26 8.70 0.42
CA PHE B 216 -17.94 7.42 1.07
C PHE B 216 -18.66 6.23 0.43
N ASP B 217 -18.11 5.04 0.67
CA ASP B 217 -18.72 3.75 0.37
C ASP B 217 -19.22 3.62 -1.07
N VAL B 218 -18.29 3.91 -1.97
CA VAL B 218 -18.53 3.99 -3.38
C VAL B 218 -17.21 3.58 -4.04
N PRO B 219 -17.26 2.97 -5.23
CA PRO B 219 -16.01 2.62 -5.92
C PRO B 219 -15.18 3.85 -6.29
N SER B 220 -13.88 3.65 -6.47
CA SER B 220 -13.01 4.75 -6.80
C SER B 220 -11.84 4.24 -7.64
N PRO B 221 -11.36 5.03 -8.61
CA PRO B 221 -10.13 4.64 -9.31
C PRO B 221 -8.97 4.50 -8.32
N PRO B 222 -7.89 3.82 -8.71
CA PRO B 222 -6.76 3.72 -7.78
C PRO B 222 -6.08 5.08 -7.57
N ALA B 223 -5.41 5.24 -6.42
CA ALA B 223 -4.97 6.56 -5.98
C ALA B 223 -3.92 7.20 -6.88
N ASP B 224 -3.29 6.41 -7.72
CA ASP B 224 -2.25 6.94 -8.61
C ASP B 224 -2.70 6.96 -10.07
N GLN B 225 -3.97 6.70 -10.31
CA GLN B 225 -4.53 6.94 -11.62
C GLN B 225 -4.69 8.45 -11.84
N GLU B 226 -4.40 8.91 -13.05
CA GLU B 226 -4.58 10.29 -13.42
C GLU B 226 -6.02 10.77 -13.19
N VAL B 227 -6.19 12.02 -12.74
CA VAL B 227 -7.54 12.57 -12.58
C VAL B 227 -7.89 13.52 -13.71
N GLY B 228 -8.83 13.12 -14.57
CA GLY B 228 -9.30 13.96 -15.64
C GLY B 228 -10.26 15.00 -15.09
N PHE B 229 -10.23 16.21 -15.66
CA PHE B 229 -11.07 17.31 -15.18
C PHE B 229 -12.54 16.94 -15.23
N ASP B 230 -12.89 16.07 -16.18
CA ASP B 230 -14.28 15.66 -16.30
C ASP B 230 -14.71 14.81 -15.08
N GLU B 231 -13.76 14.10 -14.48
CA GLU B 231 -14.09 13.34 -13.27
C GLU B 231 -14.41 14.28 -12.09
N LEU B 232 -13.60 15.30 -11.88
CA LEU B 232 -13.90 16.30 -10.85
C LEU B 232 -15.21 17.04 -11.13
N ARG B 233 -15.41 17.43 -12.39
CA ARG B 233 -16.65 18.13 -12.77
C ARG B 233 -17.88 17.26 -12.49
N ALA B 234 -17.81 15.98 -12.86
CA ALA B 234 -18.92 15.06 -12.60
C ALA B 234 -19.18 14.91 -11.10
N ALA B 235 -18.11 14.81 -10.30
CA ALA B 235 -18.27 14.75 -8.85
C ALA B 235 -18.96 16.01 -8.29
N VAL B 236 -18.53 17.18 -8.75
CA VAL B 236 -19.12 18.44 -8.29
C VAL B 236 -20.59 18.53 -8.69
N ALA B 237 -20.91 18.13 -9.91
CA ALA B 237 -22.29 18.14 -10.38
C ALA B 237 -23.18 17.19 -9.56
N ARG B 238 -22.67 15.99 -9.31
CA ARG B 238 -23.41 14.97 -8.58
C ARG B 238 -23.62 15.35 -7.11
N ILE B 239 -22.58 15.90 -6.49
CA ILE B 239 -22.60 16.12 -5.04
C ILE B 239 -23.19 17.48 -4.70
N ALA B 240 -22.64 18.52 -5.34
CA ALA B 240 -22.94 19.92 -5.06
C ALA B 240 -24.07 20.49 -5.91
N GLY B 241 -24.45 19.78 -6.98
CA GLY B 241 -25.56 20.19 -7.82
C GLY B 241 -25.32 21.49 -8.58
N VAL B 242 -24.13 21.64 -9.13
CA VAL B 242 -23.72 22.85 -9.83
C VAL B 242 -22.70 22.46 -10.90
N GLU B 243 -22.67 23.21 -12.01
CA GLU B 243 -21.72 22.96 -13.10
C GLU B 243 -20.36 23.63 -12.88
N LEU B 244 -19.30 22.84 -12.90
CA LEU B 244 -17.94 23.37 -12.79
C LEU B 244 -17.26 23.43 -14.15
N ASP B 245 -16.75 24.61 -14.50
CA ASP B 245 -15.92 24.78 -15.68
C ASP B 245 -14.80 25.76 -15.38
N GLY B 246 -13.72 25.67 -16.13
CA GLY B 246 -12.58 26.56 -15.93
C GLY B 246 -11.30 25.95 -16.44
N VAL B 247 -10.18 26.49 -15.99
CA VAL B 247 -8.88 25.97 -16.37
C VAL B 247 -8.32 25.31 -15.13
N PRO B 248 -8.22 23.99 -15.15
CA PRO B 248 -7.66 23.31 -13.99
C PRO B 248 -6.16 23.49 -13.91
N GLY B 249 -5.66 23.71 -12.71
CA GLY B 249 -4.25 23.51 -12.46
C GLY B 249 -4.14 22.11 -11.92
N TRP B 250 -3.61 22.00 -10.72
CA TRP B 250 -3.55 20.75 -9.99
C TRP B 250 -4.83 19.92 -10.04
N LEU B 251 -4.69 18.60 -10.21
CA LEU B 251 -5.80 17.68 -9.98
C LEU B 251 -5.31 16.38 -9.36
N SER B 252 -5.86 16.00 -8.21
CA SER B 252 -5.41 14.77 -7.58
C SER B 252 -6.47 14.07 -6.75
N ARG B 253 -6.13 12.87 -6.28
CA ARG B 253 -7.04 12.07 -5.46
C ARG B 253 -6.63 12.14 -3.99
N TRP B 254 -7.59 11.88 -3.11
CA TRP B 254 -7.23 11.72 -1.72
C TRP B 254 -8.08 10.62 -1.14
N THR B 255 -7.63 10.07 -0.01
CA THR B 255 -8.25 8.90 0.58
C THR B 255 -8.76 9.14 2.00
N ALA B 256 -9.53 8.17 2.50
CA ALA B 256 -10.08 8.26 3.84
C ALA B 256 -9.36 7.27 4.75
N THR B 257 -8.12 6.95 4.42
CA THR B 257 -7.27 6.13 5.28
C THR B 257 -7.29 6.63 6.72
N SER B 258 -7.49 5.71 7.65
CA SER B 258 -7.46 6.03 9.07
C SER B 258 -6.61 4.97 9.77
N ARG B 259 -5.34 5.27 9.97
CA ARG B 259 -4.40 4.29 10.51
C ARG B 259 -3.46 4.91 11.53
N GLN B 260 -2.96 4.09 12.44
CA GLN B 260 -1.99 4.56 13.44
C GLN B 260 -0.89 3.54 13.70
N ALA B 261 0.35 3.99 13.72
CA ALA B 261 1.48 3.11 14.02
C ALA B 261 1.32 2.41 15.38
N GLU B 262 1.56 1.12 15.40
CA GLU B 262 1.39 0.32 16.62
C GLU B 262 2.34 0.77 17.73
N ARG B 263 3.51 1.26 17.35
CA ARG B 263 4.39 1.88 18.34
C ARG B 263 5.16 3.03 17.72
N TYR B 264 5.41 4.05 18.52
CA TYR B 264 6.02 5.27 18.00
C TYR B 264 7.52 5.20 18.15
N ARG B 265 8.01 4.17 18.82
CA ARG B 265 9.45 4.01 19.02
C ARG B 265 9.92 2.57 18.87
N GLU B 266 11.05 2.40 18.19
CA GLU B 266 11.70 1.11 18.05
C GLU B 266 13.20 1.33 18.20
N GLY B 267 13.70 1.13 19.41
CA GLY B 267 15.10 1.42 19.73
C GLY B 267 15.48 2.87 19.49
N ARG B 268 16.34 3.11 18.51
CA ARG B 268 16.79 4.46 18.22
C ARG B 268 15.95 5.11 17.12
N ILE B 269 14.93 4.41 16.68
CA ILE B 269 14.06 4.94 15.64
C ILE B 269 12.72 5.34 16.24
N LEU B 270 12.27 6.57 15.95
CA LEU B 270 10.95 7.01 16.38
C LEU B 270 10.12 7.49 15.20
N LEU B 271 8.81 7.64 15.40
CA LEU B 271 7.89 8.14 14.37
C LEU B 271 7.10 9.36 14.85
N ALA B 272 6.79 10.27 13.93
CA ALA B 272 5.94 11.42 14.23
C ALA B 272 5.11 11.86 13.02
N GLY B 273 3.99 12.52 13.29
CA GLY B 273 3.18 13.06 12.22
C GLY B 273 2.44 11.99 11.44
N ASP B 274 2.32 12.20 10.13
CA ASP B 274 1.53 11.32 9.27
C ASP B 274 2.12 9.90 9.23
N ALA B 275 3.43 9.78 9.44
CA ALA B 275 4.06 8.47 9.54
C ALA B 275 3.53 7.67 10.73
N ALA B 276 3.16 8.40 11.78
CA ALA B 276 2.71 7.80 13.03
C ALA B 276 1.21 7.59 13.03
N HIS B 277 0.50 8.45 12.31
CA HIS B 277 -0.97 8.40 12.24
C HIS B 277 -1.44 9.13 10.99
N THR B 278 -2.18 8.44 10.16
CA THR B 278 -2.77 9.06 8.99
C THR B 278 -4.27 9.08 9.22
N LEU B 279 -4.82 10.28 9.38
CA LEU B 279 -6.21 10.41 9.76
C LEU B 279 -6.97 11.19 8.69
N PHE B 280 -8.28 11.06 8.68
CA PHE B 280 -9.10 11.85 7.77
C PHE B 280 -8.92 13.35 8.07
N PRO B 281 -8.58 14.14 7.04
CA PRO B 281 -8.26 15.58 7.14
C PRO B 281 -9.45 16.51 7.46
N LEU B 282 -9.75 16.64 8.74
CA LEU B 282 -10.94 17.33 9.21
C LEU B 282 -10.66 18.28 10.38
N GLY B 283 -10.91 19.56 10.17
CA GLY B 283 -10.85 20.56 11.24
C GLY B 283 -9.45 20.85 11.76
N GLY B 284 -8.45 20.41 11.00
CA GLY B 284 -7.06 20.61 11.38
C GLY B 284 -6.48 19.62 12.38
N GLN B 285 -7.23 18.61 12.79
CA GLN B 285 -6.68 17.60 13.68
C GLN B 285 -5.57 16.74 13.02
N ALA B 286 -5.61 16.62 11.71
CA ALA B 286 -4.63 15.78 11.02
C ALA B 286 -3.23 16.35 11.18
N LEU B 287 -3.04 17.61 10.81
CA LEU B 287 -1.74 18.23 11.02
C LEU B 287 -1.50 18.48 12.50
N GLY B 288 -2.54 18.95 13.18
CA GLY B 288 -2.44 19.31 14.60
C GLY B 288 -1.84 18.20 15.46
N THR B 289 -2.32 16.98 15.28
CA THR B 289 -1.81 15.83 16.02
C THR B 289 -0.29 15.60 15.75
N GLY B 290 0.13 15.82 14.50
CA GLY B 290 1.54 15.71 14.14
C GLY B 290 2.40 16.79 14.77
N ILE B 291 1.90 18.01 14.74
CA ILE B 291 2.65 19.14 15.29
C ILE B 291 2.85 18.91 16.79
N GLU B 292 1.79 18.44 17.45
CA GLU B 292 1.94 18.19 18.87
C GLU B 292 2.82 16.94 19.13
N ASP B 293 2.87 15.95 18.21
CA ASP B 293 3.90 14.91 18.35
C ASP B 293 5.29 15.55 18.42
N ALA B 294 5.53 16.47 17.47
CA ALA B 294 6.85 17.10 17.35
C ALA B 294 7.21 17.84 18.63
N VAL B 295 6.25 18.58 19.18
CA VAL B 295 6.53 19.36 20.38
C VAL B 295 6.74 18.43 21.60
N ASN B 296 5.94 17.37 21.71
CA ASN B 296 6.13 16.40 22.78
C ASN B 296 7.54 15.78 22.75
N LEU B 297 7.97 15.44 21.55
CA LEU B 297 9.21 14.71 21.33
C LEU B 297 10.50 15.54 21.45
N GLY B 298 10.52 16.74 20.88
CA GLY B 298 11.75 17.51 20.77
C GLY B 298 12.57 17.57 22.03
N TRP B 299 11.96 18.08 23.09
CA TRP B 299 12.68 18.33 24.34
C TRP B 299 13.07 17.03 25.05
N LYS B 300 12.27 15.99 24.90
CA LYS B 300 12.59 14.70 25.49
C LYS B 300 13.82 14.08 24.81
N LEU B 301 13.84 14.19 23.49
CA LEU B 301 14.95 13.71 22.70
C LEU B 301 16.21 14.47 23.10
N ALA B 302 16.09 15.79 23.18
CA ALA B 302 17.21 16.66 23.54
C ALA B 302 17.76 16.31 24.90
N ALA B 303 16.86 16.19 25.88
CA ALA B 303 17.24 15.83 27.23
C ALA B 303 17.97 14.50 27.24
N THR B 304 17.53 13.60 26.37
CA THR B 304 18.11 12.28 26.31
C THR B 304 19.55 12.35 25.79
N VAL B 305 19.76 12.98 24.63
CA VAL B 305 21.11 13.06 24.10
C VAL B 305 22.03 13.93 24.95
N GLN B 306 21.48 14.91 25.67
CA GLN B 306 22.31 15.82 26.45
C GLN B 306 22.67 15.21 27.80
N GLY B 307 22.03 14.11 28.15
CA GLY B 307 22.44 13.37 29.33
C GLY B 307 21.68 13.59 30.63
N TRP B 308 20.68 14.48 30.63
CA TRP B 308 19.97 14.73 31.88
C TRP B 308 18.56 14.13 31.98
N ALA B 309 18.13 13.41 30.95
CA ALA B 309 16.78 12.83 30.96
C ALA B 309 16.67 11.69 31.95
N PRO B 310 15.58 11.68 32.75
CA PRO B 310 15.27 10.50 33.55
C PRO B 310 15.17 9.28 32.64
N PRO B 311 15.36 8.06 33.19
CA PRO B 311 15.53 6.87 32.35
C PRO B 311 14.39 6.61 31.35
N SER B 312 13.20 7.05 31.73
CA SER B 312 11.97 6.69 31.04
C SER B 312 11.35 7.83 30.24
N LEU B 313 12.07 8.94 30.16
CA LEU B 313 11.53 10.13 29.53
C LEU B 313 11.19 9.88 28.04
N LEU B 314 12.08 9.23 27.30
CA LEU B 314 11.84 9.05 25.88
C LEU B 314 10.70 8.06 25.65
N ASP B 315 10.57 7.05 26.52
CA ASP B 315 9.45 6.10 26.41
C ASP B 315 8.07 6.76 26.62
N SER B 316 8.04 7.85 27.41
CA SER B 316 6.79 8.59 27.58
C SER B 316 6.32 9.24 26.27
N TYR B 317 7.20 9.36 25.30
CA TYR B 317 6.76 9.86 23.98
C TYR B 317 5.69 8.93 23.41
N HIS B 318 6.03 7.66 23.28
CA HIS B 318 5.05 6.70 22.77
C HIS B 318 3.88 6.64 23.70
N GLU B 319 4.14 6.58 25.00
CA GLU B 319 3.00 6.45 25.92
C GLU B 319 2.00 7.59 25.76
N GLU B 320 2.45 8.84 25.77
CA GLU B 320 1.51 9.96 25.67
C GLU B 320 0.96 10.18 24.26
N ARG B 321 1.84 10.17 23.28
CA ARG B 321 1.42 10.52 21.94
C ARG B 321 0.67 9.37 21.24
N HIS B 322 0.87 8.11 21.64
CA HIS B 322 0.06 7.07 21.01
C HIS B 322 -1.38 7.16 21.52
N ALA B 323 -1.51 7.48 22.82
CA ALA B 323 -2.84 7.69 23.41
C ALA B 323 -3.50 8.88 22.74
N ALA B 324 -2.75 9.97 22.56
CA ALA B 324 -3.29 11.18 21.94
C ALA B 324 -3.70 10.92 20.49
N GLY B 325 -2.88 10.13 19.80
CA GLY B 325 -3.15 9.75 18.42
C GLY B 325 -4.41 8.92 18.32
N ALA B 326 -4.57 7.94 19.19
CA ALA B 326 -5.79 7.13 19.26
C ALA B 326 -7.04 7.99 19.52
N ARG B 327 -6.94 8.97 20.43
CA ARG B 327 -8.08 9.90 20.62
C ARG B 327 -8.38 10.76 19.38
N ALA B 328 -7.35 11.17 18.65
CA ALA B 328 -7.58 11.93 17.42
C ALA B 328 -8.25 11.05 16.36
N CYS B 329 -7.77 9.81 16.29
CA CYS B 329 -8.38 8.81 15.43
C CYS B 329 -9.85 8.64 15.79
N ALA B 330 -10.14 8.47 17.06
CA ALA B 330 -11.52 8.30 17.50
C ALA B 330 -12.38 9.50 17.09
N SER B 331 -11.91 10.72 17.37
CA SER B 331 -12.65 11.92 17.00
C SER B 331 -12.96 12.03 15.50
N THR B 332 -11.92 11.82 14.68
CA THR B 332 -12.10 11.96 13.22
C THR B 332 -12.94 10.82 12.63
N ARG B 333 -12.85 9.61 13.20
CA ARG B 333 -13.73 8.52 12.75
C ARG B 333 -15.19 8.74 13.16
N ALA B 334 -15.38 9.31 14.35
CA ALA B 334 -16.71 9.67 14.81
C ALA B 334 -17.32 10.62 13.78
N GLN B 335 -16.52 11.55 13.31
CA GLN B 335 -16.98 12.46 12.27
C GLN B 335 -17.26 11.78 10.91
N THR B 336 -16.31 11.00 10.39
CA THR B 336 -16.53 10.42 9.07
C THR B 336 -17.70 9.41 9.09
N THR B 337 -17.98 8.83 10.25
CA THR B 337 -19.16 7.97 10.39
C THR B 337 -20.43 8.66 9.88
N ILE B 338 -20.61 9.96 10.16
CA ILE B 338 -21.79 10.67 9.69
C ILE B 338 -21.51 11.55 8.46
N MET B 339 -20.58 11.12 7.62
CA MET B 339 -20.32 11.80 6.35
C MET B 339 -20.68 10.87 5.19
N ARG B 340 -21.40 9.81 5.53
CA ARG B 340 -22.03 8.93 4.55
C ARG B 340 -23.20 9.70 3.90
N SER B 341 -23.94 9.11 2.97
CA SER B 341 -25.09 9.77 2.36
C SER B 341 -26.15 10.13 3.40
N LEU B 342 -26.91 11.19 3.15
CA LEU B 342 -27.90 11.65 4.12
C LEU B 342 -29.06 10.68 4.19
N ALA B 343 -29.24 9.87 3.16
CA ALA B 343 -30.21 8.78 3.21
C ALA B 343 -29.89 7.82 4.36
N ARG B 344 -28.61 7.76 4.74
CA ARG B 344 -28.20 6.83 5.79
C ARG B 344 -27.93 7.50 7.14
N VAL B 345 -27.46 8.75 7.15
CA VAL B 345 -27.10 9.38 8.41
C VAL B 345 -27.74 10.77 8.65
N GLY B 346 -28.66 11.16 7.76
CA GLY B 346 -29.30 12.46 7.84
C GLY B 346 -29.97 12.73 9.19
N GLU B 347 -30.72 11.76 9.70
CA GLU B 347 -31.46 11.92 10.94
C GLU B 347 -30.54 12.10 12.15
N LEU B 348 -29.45 11.32 12.18
CA LEU B 348 -28.51 11.44 13.28
C LEU B 348 -27.76 12.77 13.19
N ARG B 349 -27.46 13.21 11.97
CA ARG B 349 -26.84 14.52 11.76
C ARG B 349 -27.73 15.63 12.30
N ALA B 350 -29.04 15.56 12.02
CA ALA B 350 -29.97 16.57 12.51
C ALA B 350 -30.06 16.56 14.05
N LEU B 351 -30.15 15.36 14.62
CA LEU B 351 -30.10 15.23 16.07
C LEU B 351 -28.83 15.86 16.68
N LEU B 352 -27.68 15.53 16.15
CA LEU B 352 -26.42 16.11 16.62
C LEU B 352 -26.36 17.64 16.47
N THR B 353 -26.96 18.17 15.40
CA THR B 353 -27.05 19.63 15.22
C THR B 353 -27.86 20.24 16.37
N GLU B 354 -29.01 19.63 16.64
CA GLU B 354 -29.81 20.02 17.81
C GLU B 354 -28.97 20.00 19.09
N LEU B 355 -28.29 18.89 19.34
CA LEU B 355 -27.48 18.76 20.56
C LEU B 355 -26.38 19.82 20.63
N ALA B 356 -25.77 20.11 19.49
CA ALA B 356 -24.72 21.11 19.40
C ALA B 356 -25.25 22.49 19.76
N GLY B 357 -26.58 22.65 19.67
CA GLY B 357 -27.21 23.83 20.23
C GLY B 357 -27.05 24.05 21.74
N LEU B 358 -26.81 22.98 22.51
CA LEU B 358 -26.62 23.09 23.95
C LEU B 358 -25.19 23.57 24.28
N GLU B 359 -25.06 24.56 25.16
CA GLU B 359 -23.76 25.22 25.35
C GLU B 359 -22.62 24.25 25.66
N GLU B 360 -22.86 23.27 26.54
CA GLU B 360 -21.80 22.35 26.94
C GLU B 360 -21.37 21.44 25.78
N VAL B 361 -22.30 21.11 24.89
CA VAL B 361 -21.97 20.29 23.73
C VAL B 361 -21.13 21.08 22.74
N ASN B 362 -21.56 22.30 22.44
CA ASN B 362 -20.79 23.19 21.59
C ASN B 362 -19.35 23.35 22.15
N ALA B 363 -19.21 23.56 23.45
CA ALA B 363 -17.89 23.77 24.02
C ALA B 363 -17.05 22.49 23.86
N TYR B 364 -17.63 21.36 24.28
CA TYR B 364 -17.02 20.05 24.12
C TYR B 364 -16.47 19.81 22.70
N LEU B 365 -17.32 20.00 21.71
CA LEU B 365 -16.97 19.74 20.32
C LEU B 365 -15.94 20.74 19.76
N VAL B 366 -16.07 22.01 20.12
CA VAL B 366 -15.12 23.02 19.64
C VAL B 366 -13.71 22.71 20.16
N ARG B 367 -13.64 22.35 21.43
CA ARG B 367 -12.37 21.95 22.02
C ARG B 367 -11.80 20.68 21.35
N MET B 368 -12.65 19.66 21.21
CA MET B 368 -12.21 18.37 20.66
C MET B 368 -11.63 18.56 19.27
N VAL B 369 -12.38 19.27 18.44
CA VAL B 369 -12.04 19.42 17.05
C VAL B 369 -10.84 20.38 16.90
N GLY B 370 -10.68 21.28 17.86
CA GLY B 370 -9.48 22.11 17.87
C GLY B 370 -8.27 21.42 18.48
N GLY B 371 -8.45 20.20 19.00
CA GLY B 371 -7.39 19.44 19.65
C GLY B 371 -7.02 19.98 21.02
N ILE B 372 -7.89 20.79 21.59
CA ILE B 372 -7.64 21.49 22.84
C ILE B 372 -8.15 20.69 24.03
N ASP B 373 -7.34 20.56 25.07
CA ASP B 373 -7.78 19.96 26.33
C ASP B 373 -7.09 20.69 27.49
N GLY B 374 -7.35 20.23 28.70
CA GLY B 374 -6.80 20.88 29.87
C GLY B 374 -5.37 20.52 30.20
N SER B 375 -4.67 19.85 29.29
CA SER B 375 -3.28 19.45 29.56
C SER B 375 -2.31 20.62 29.36
N ARG B 376 -2.75 21.65 28.63
CA ARG B 376 -1.97 22.88 28.52
C ARG B 376 -2.81 24.07 28.95
N LEU B 377 -2.13 25.16 29.24
CA LEU B 377 -2.75 26.42 29.63
C LEU B 377 -3.03 27.31 28.44
N PRO B 378 -3.98 28.26 28.60
CA PRO B 378 -4.11 29.35 27.64
C PRO B 378 -3.01 30.40 27.80
N ASP B 379 -2.74 31.13 26.73
CA ASP B 379 -1.77 32.22 26.76
C ASP B 379 -2.36 33.46 27.42
N VAL B 380 -2.32 33.50 28.75
CA VAL B 380 -2.92 34.54 29.55
C VAL B 380 -1.89 35.59 29.96
N PRO B 381 -2.28 36.88 29.98
CA PRO B 381 -1.34 37.91 30.45
C PRO B 381 -0.90 37.69 31.89
N LEU B 382 0.34 38.03 32.18
CA LEU B 382 0.90 37.89 33.52
C LEU B 382 1.69 39.14 33.89
N VAL B 383 1.82 39.35 35.19
CA VAL B 383 2.63 40.43 35.73
C VAL B 383 3.67 39.84 36.67
N THR B 384 4.94 40.00 36.32
CA THR B 384 6.04 39.53 37.17
C THR B 384 6.83 40.74 37.64
N ALA B 385 7.88 40.49 38.42
CA ALA B 385 8.81 41.54 38.83
C ALA B 385 9.42 42.23 37.62
N GLU B 386 9.72 41.45 36.58
CA GLU B 386 10.28 42.02 35.35
C GLU B 386 9.23 42.62 34.44
N GLY B 387 8.00 42.76 34.92
CA GLY B 387 6.98 43.48 34.19
C GLY B 387 5.91 42.61 33.54
N GLU B 388 5.25 43.15 32.51
CA GLU B 388 4.16 42.45 31.83
C GLU B 388 4.68 41.42 30.83
N THR B 389 4.06 40.25 30.85
CA THR B 389 4.42 39.16 29.94
C THR B 389 3.19 38.26 29.78
N SER B 390 3.38 36.99 29.45
CA SER B 390 2.26 36.06 29.37
C SER B 390 2.76 34.63 29.45
N VAL B 391 1.86 33.68 29.68
CA VAL B 391 2.25 32.28 29.88
C VAL B 391 3.18 31.74 28.77
N TYR B 392 2.88 32.04 27.52
CA TYR B 392 3.57 31.41 26.40
C TYR B 392 4.93 32.04 26.13
N ARG B 393 5.11 33.29 26.56
CA ARG B 393 6.40 33.94 26.44
C ARG B 393 7.40 33.28 27.38
N LEU B 394 6.90 32.80 28.52
CA LEU B 394 7.75 32.10 29.46
C LEU B 394 8.26 30.78 28.89
N LEU B 395 7.52 30.23 27.93
CA LEU B 395 7.86 28.95 27.29
C LEU B 395 8.74 29.08 26.03
N GLU B 396 8.97 30.31 25.57
CA GLU B 396 9.71 30.50 24.33
C GLU B 396 11.15 30.01 24.42
N ALA B 397 11.73 30.05 25.62
CA ALA B 397 13.10 29.53 25.83
C ALA B 397 13.17 28.01 25.65
N GLY B 398 12.02 27.34 25.71
CA GLY B 398 11.97 25.90 25.54
C GLY B 398 12.41 25.15 26.79
N ARG B 399 12.30 25.84 27.93
CA ARG B 399 12.66 25.27 29.23
C ARG B 399 11.42 25.10 30.09
N GLY B 400 11.51 24.16 31.04
CA GLY B 400 10.49 23.99 32.06
C GLY B 400 10.27 25.28 32.86
N VAL B 401 9.04 25.46 33.33
CA VAL B 401 8.67 26.65 34.11
C VAL B 401 7.80 26.29 35.31
N LEU B 402 8.24 26.64 36.51
CA LEU B 402 7.36 26.61 37.67
C LEU B 402 6.76 28.00 37.80
N LEU B 403 5.52 28.14 37.41
CA LEU B 403 4.84 29.42 37.46
C LEU B 403 4.04 29.50 38.74
N ASP B 404 4.43 30.42 39.61
CA ASP B 404 3.79 30.60 40.90
C ASP B 404 2.86 31.81 40.83
N LEU B 405 1.55 31.58 40.97
CA LEU B 405 0.56 32.64 40.83
C LEU B 405 -0.05 33.02 42.17
N GLY B 406 0.73 32.91 43.24
CA GLY B 406 0.22 33.24 44.56
C GLY B 406 0.13 32.07 45.51
N ALA B 407 0.39 30.86 45.00
CA ALA B 407 0.48 29.70 45.88
C ALA B 407 1.61 29.91 46.89
N GLY B 408 2.62 30.66 46.48
CA GLY B 408 3.69 31.03 47.39
C GLY B 408 4.53 29.85 47.81
N LEU B 409 5.02 29.11 46.82
CA LEU B 409 5.94 28.01 47.08
C LEU B 409 7.30 28.60 47.39
N PRO B 410 8.09 27.92 48.23
CA PRO B 410 9.50 28.32 48.26
C PRO B 410 10.05 28.13 46.86
N ALA B 411 10.91 29.03 46.41
CA ALA B 411 11.40 29.00 45.04
C ALA B 411 11.98 27.63 44.72
N VAL B 412 11.38 26.95 43.75
CA VAL B 412 11.89 25.66 43.32
C VAL B 412 13.27 25.87 42.71
N ARG B 413 14.23 25.02 43.04
CA ARG B 413 15.55 25.17 42.46
C ARG B 413 16.03 23.91 41.75
N HIS B 414 15.87 23.93 40.44
CA HIS B 414 16.23 22.83 39.57
C HIS B 414 16.91 23.47 38.38
N PRO B 415 18.08 22.94 37.97
CA PRO B 415 18.83 23.49 36.84
C PRO B 415 18.04 23.52 35.52
N GLN B 416 17.00 22.71 35.42
CA GLN B 416 16.25 22.60 34.16
C GLN B 416 14.96 23.40 34.19
N VAL B 417 14.65 23.97 35.34
CA VAL B 417 13.36 24.62 35.55
C VAL B 417 13.51 26.09 35.94
N THR B 418 12.78 26.97 35.26
CA THR B 418 12.78 28.38 35.60
C THR B 418 11.63 28.73 36.56
N TYR B 419 11.97 29.23 37.75
CA TYR B 419 10.95 29.66 38.70
C TYR B 419 10.48 31.06 38.33
N VAL B 420 9.17 31.23 38.19
CA VAL B 420 8.61 32.52 37.85
C VAL B 420 7.47 32.85 38.81
N ARG B 421 7.58 33.97 39.51
CA ARG B 421 6.49 34.42 40.37
C ARG B 421 5.69 35.49 39.65
N ALA B 422 4.37 35.32 39.65
CA ALA B 422 3.50 36.27 38.97
C ALA B 422 2.30 36.58 39.84
N GLU B 423 1.74 37.77 39.65
CA GLU B 423 0.56 38.17 40.41
C GLU B 423 -0.62 37.26 40.09
N PRO B 424 -1.54 37.10 41.05
CA PRO B 424 -2.71 36.25 40.83
C PRO B 424 -3.51 36.71 39.63
N THR B 425 -4.18 35.78 38.96
CA THR B 425 -5.05 36.12 37.84
C THR B 425 -6.23 35.16 37.80
N ASN B 426 -7.43 35.69 37.59
CA ASN B 426 -8.63 34.88 37.57
C ASN B 426 -8.73 34.05 36.30
N ARG B 427 -7.85 34.29 35.34
CA ARG B 427 -7.97 33.66 34.03
C ARG B 427 -7.23 32.33 33.97
N LEU B 428 -6.56 32.00 35.07
CA LEU B 428 -6.01 30.67 35.29
C LEU B 428 -6.60 30.12 36.58
N ASP B 429 -7.12 28.91 36.56
CA ASP B 429 -7.77 28.38 37.77
C ASP B 429 -6.79 27.44 38.48
N ALA B 430 -5.60 27.99 38.75
CA ALA B 430 -4.60 27.34 39.57
C ALA B 430 -3.72 28.42 40.15
N THR B 431 -3.29 28.26 41.39
CA THR B 431 -2.47 29.27 42.04
C THR B 431 -0.98 29.00 41.79
N ALA B 432 -0.68 27.82 41.24
CA ALA B 432 0.68 27.51 40.76
C ALA B 432 0.64 26.30 39.82
N VAL B 433 1.53 26.27 38.84
CA VAL B 433 1.64 25.14 37.93
C VAL B 433 3.09 24.84 37.57
N LEU B 434 3.39 23.57 37.34
CA LEU B 434 4.67 23.21 36.75
C LEU B 434 4.42 22.85 35.27
N LEU B 435 5.06 23.59 34.38
CA LEU B 435 4.97 23.39 32.95
C LEU B 435 6.22 22.72 32.40
N ARG B 436 5.99 21.63 31.69
CA ARG B 436 7.03 20.99 30.91
C ARG B 436 7.40 21.88 29.72
N PRO B 437 8.55 21.63 29.10
CA PRO B 437 8.96 22.48 27.97
C PRO B 437 7.98 22.45 26.80
N ASP B 438 7.16 21.41 26.70
CA ASP B 438 6.16 21.38 25.64
C ASP B 438 4.86 22.10 26.02
N GLY B 439 4.86 22.76 27.18
CA GLY B 439 3.72 23.53 27.64
C GLY B 439 2.76 22.72 28.48
N VAL B 440 2.96 21.40 28.50
CA VAL B 440 2.06 20.50 29.21
C VAL B 440 2.18 20.68 30.72
N VAL B 441 1.04 20.72 31.39
CA VAL B 441 0.98 20.89 32.85
C VAL B 441 1.30 19.56 33.54
N ALA B 442 2.43 19.52 34.24
CA ALA B 442 2.88 18.31 34.92
C ALA B 442 2.35 18.22 36.36
N TRP B 443 1.98 19.36 36.92
CA TRP B 443 1.53 19.45 38.30
C TRP B 443 0.84 20.80 38.46
N ARG B 444 -0.15 20.86 39.35
CA ARG B 444 -0.77 22.14 39.66
C ARG B 444 -1.25 22.15 41.11
N ALA B 445 -1.16 23.31 41.76
CA ALA B 445 -1.75 23.48 43.07
C ALA B 445 -3.25 23.21 42.96
N PRO B 446 -3.84 22.55 43.98
CA PRO B 446 -3.26 22.13 45.25
C PRO B 446 -2.86 20.66 45.31
N GLN B 447 -2.59 20.04 44.16
CA GLN B 447 -2.21 18.63 44.14
C GLN B 447 -0.97 18.36 44.98
N ASP B 448 -0.90 17.17 45.54
CA ASP B 448 0.35 16.68 46.10
C ASP B 448 1.25 16.28 44.96
N GLY B 449 2.51 15.98 45.27
CA GLY B 449 3.40 15.35 44.32
C GLY B 449 4.26 16.25 43.47
N LEU B 450 4.51 17.47 43.90
CA LEU B 450 5.37 18.36 43.12
C LEU B 450 6.77 17.79 42.89
N GLU B 451 7.38 17.24 43.93
CA GLU B 451 8.73 16.71 43.78
C GLU B 451 8.75 15.56 42.78
N ALA B 452 7.74 14.68 42.86
CA ALA B 452 7.66 13.56 41.94
C ALA B 452 7.49 14.04 40.50
N ALA B 453 6.73 15.11 40.29
CA ALA B 453 6.56 15.71 38.96
C ALA B 453 7.88 16.22 38.41
N LEU B 454 8.53 17.05 39.22
CA LEU B 454 9.86 17.55 38.90
C LEU B 454 10.82 16.42 38.51
N GLU B 455 10.88 15.38 39.33
CA GLU B 455 11.82 14.29 39.08
C GLU B 455 11.43 13.47 37.83
N THR B 456 10.14 13.25 37.65
CA THR B 456 9.66 12.47 36.51
C THR B 456 10.05 13.13 35.20
N TRP B 457 9.88 14.45 35.12
CA TRP B 457 10.07 15.11 33.82
C TRP B 457 11.45 15.74 33.61
N PHE B 458 12.12 16.09 34.71
CA PHE B 458 13.35 16.84 34.64
C PHE B 458 14.52 16.16 35.36
N GLY B 459 14.25 15.14 36.12
CA GLY B 459 15.26 14.51 36.92
C GLY B 459 15.52 15.14 38.27
N PRO B 460 16.34 14.42 39.15
CA PRO B 460 16.47 15.03 40.49
C PRO B 460 17.28 16.30 40.53
N ALA B 461 17.08 17.08 41.57
CA ALA B 461 17.87 18.29 41.72
C ALA B 461 18.71 18.54 42.99
#